data_3OTX
#
_entry.id   3OTX
#
_cell.length_a   68.893
_cell.length_b   70.549
_cell.length_c   72.410
_cell.angle_alpha   90.00
_cell.angle_beta   90.77
_cell.angle_gamma   90.00
#
_symmetry.space_group_name_H-M   'P 1 21 1'
#
loop_
_entity.id
_entity.type
_entity.pdbx_description
1 polymer 'Adenosine kinase, putative'
2 non-polymer "BIS(ADENOSINE)-5'-PENTAPHOSPHATE"
3 non-polymer 'SODIUM ION'
4 water water
#
_entity_poly.entity_id   1
_entity_poly.type   'polypeptide(L)'
_entity_poly.pdbx_seq_one_letter_code
;GSMASAPLRVYVQCNPLLDVSAHVSDEFLVKYGLERGTAILLSERQKGIFDDIEKMPNVRYVPGGSGLNVARVAQWMQQA
YKGKFVTYVGCIADDRYGKVLKEAAEHEGIVMAVEHTTKAGSGACAVCITGKERTLVADLGAANHLSSEHMRSPAVVRAM
DESRIFYFSGFTLTVDVNHVLQACRKAREVDGLFMINLSAPFIMQFFSAQLGEVLPYTDIIVANRHEAKEFANMMKWDTD
CVEEIARRAVSEVPYTGTKGRVVVFTRDIESTVLATKDGVETVPVPQLDQDKVIDMNGAGDAFMGGFLSAYAVGKDLRRC
CETGHYTAQEVIQRDGCSFPEKPSFSP
;
_entity_poly.pdbx_strand_id   A,B
#
# COMPACT_ATOMS: atom_id res chain seq x y z
N ALA A 6 -28.88 -8.02 -22.11
CA ALA A 6 -29.66 -6.99 -21.31
C ALA A 6 -29.39 -7.13 -19.82
N PRO A 7 -28.86 -6.07 -19.19
CA PRO A 7 -28.44 -6.17 -17.79
C PRO A 7 -29.62 -6.33 -16.87
N LEU A 8 -29.40 -7.09 -15.80
CA LEU A 8 -30.34 -7.11 -14.69
C LEU A 8 -30.51 -5.71 -14.15
N ARG A 9 -31.71 -5.41 -13.72
CA ARG A 9 -31.99 -4.10 -13.10
C ARG A 9 -31.33 -3.96 -11.73
N VAL A 10 -30.77 -2.77 -11.51
CA VAL A 10 -29.99 -2.45 -10.34
C VAL A 10 -30.70 -1.35 -9.56
N TYR A 11 -30.79 -1.56 -8.25
CA TYR A 11 -31.34 -0.58 -7.33
C TYR A 11 -30.21 -0.05 -6.49
N VAL A 12 -30.01 1.26 -6.49
CA VAL A 12 -28.96 1.87 -5.68
C VAL A 12 -29.58 2.87 -4.72
N GLN A 13 -29.12 2.88 -3.47
CA GLN A 13 -29.61 3.86 -2.49
C GLN A 13 -28.43 4.46 -1.76
N CYS A 14 -28.47 5.79 -1.62
CA CYS A 14 -27.40 6.51 -0.94
C CYS A 14 -27.92 7.93 -0.64
N ASN A 15 -26.99 8.83 -0.36
CA ASN A 15 -27.28 10.23 -0.03
C ASN A 15 -26.82 11.09 -1.18
N PRO A 16 -27.77 11.74 -1.88
CA PRO A 16 -27.37 12.50 -3.06
C PRO A 16 -26.79 13.85 -2.60
N LEU A 17 -25.52 14.09 -2.91
CA LEU A 17 -24.85 15.29 -2.42
C LEU A 17 -24.24 16.04 -3.57
N LEU A 18 -24.28 17.37 -3.53
CA LEU A 18 -23.49 18.16 -4.46
C LEU A 18 -22.07 18.33 -3.92
N ASP A 19 -21.08 17.98 -4.73
CA ASP A 19 -19.69 18.13 -4.28
C ASP A 19 -19.17 19.54 -4.53
N VAL A 20 -18.59 20.14 -3.49
CA VAL A 20 -18.04 21.49 -3.55
C VAL A 20 -16.55 21.29 -3.36
N SER A 21 -15.80 21.38 -4.46
CA SER A 21 -14.43 20.92 -4.54
C SER A 21 -13.50 22.11 -4.70
N ALA A 22 -12.42 22.13 -3.92
CA ALA A 22 -11.37 23.13 -4.08
C ALA A 22 -10.05 22.61 -3.56
N HIS A 23 -8.96 23.17 -4.09
CA HIS A 23 -7.65 22.96 -3.53
C HIS A 23 -7.49 23.86 -2.31
N VAL A 24 -7.09 23.25 -1.20
CA VAL A 24 -6.91 23.94 0.05
C VAL A 24 -5.49 23.74 0.57
N SER A 25 -5.11 24.56 1.54
CA SER A 25 -3.82 24.41 2.15
C SER A 25 -3.90 23.38 3.27
N ASP A 26 -2.74 22.99 3.77
CA ASP A 26 -2.64 22.10 4.91
C ASP A 26 -3.18 22.78 6.16
N GLU A 27 -2.97 24.10 6.24
CA GLU A 27 -3.48 24.89 7.36
C GLU A 27 -5.01 24.94 7.39
N PHE A 28 -5.65 24.92 6.20
CA PHE A 28 -7.11 24.85 6.09
C PHE A 28 -7.59 23.58 6.82
N LEU A 29 -6.93 22.45 6.57
CA LEU A 29 -7.27 21.22 7.26
C LEU A 29 -7.09 21.32 8.78
N VAL A 30 -5.99 21.91 9.23
CA VAL A 30 -5.77 22.14 10.66
C VAL A 30 -6.89 23.00 11.23
N LYS A 31 -7.21 24.11 10.55
CA LYS A 31 -8.26 25.02 11.01
C LYS A 31 -9.57 24.30 11.32
N TYR A 32 -9.95 23.40 10.43
CA TYR A 32 -11.24 22.69 10.54
C TYR A 32 -11.21 21.35 11.26
N GLY A 33 -10.04 20.99 11.80
CA GLY A 33 -9.90 19.78 12.60
C GLY A 33 -9.96 18.51 11.77
N LEU A 34 -9.45 18.59 10.55
CA LEU A 34 -9.62 17.49 9.60
C LEU A 34 -8.35 16.65 9.45
N GLU A 35 -8.57 15.36 9.24
CA GLU A 35 -7.48 14.42 9.03
C GLU A 35 -7.35 14.19 7.52
N ARG A 36 -6.17 14.52 7.00
CA ARG A 36 -5.94 14.40 5.55
C ARG A 36 -6.35 13.06 4.97
N GLY A 37 -7.13 13.10 3.89
CA GLY A 37 -7.52 11.89 3.15
C GLY A 37 -8.66 11.07 3.72
N THR A 38 -9.35 11.62 4.73
CA THR A 38 -10.47 10.96 5.37
C THR A 38 -11.80 11.62 4.98
N ALA A 39 -12.90 10.88 5.20
CA ALA A 39 -14.26 11.42 5.07
C ALA A 39 -14.87 11.47 6.46
N ILE A 40 -15.65 12.52 6.74
CA ILE A 40 -16.41 12.64 7.99
C ILE A 40 -17.78 13.22 7.66
N LEU A 41 -18.70 13.16 8.63
CA LEU A 41 -19.90 13.97 8.59
C LEU A 41 -19.62 15.33 9.19
N LEU A 42 -20.19 16.37 8.58
CA LEU A 42 -20.06 17.71 9.12
C LEU A 42 -20.47 17.75 10.58
N SER A 43 -19.62 18.33 11.42
CA SER A 43 -19.97 18.56 12.81
C SER A 43 -19.73 20.00 13.21
N GLU A 44 -20.10 20.37 14.43
CA GLU A 44 -19.93 21.69 14.94
C GLU A 44 -18.44 22.09 14.84
N ARG A 45 -17.53 21.13 14.97
CA ARG A 45 -16.08 21.39 14.82
C ARG A 45 -15.76 22.08 13.48
N GLN A 46 -16.54 21.73 12.44
CA GLN A 46 -16.33 22.30 11.11
C GLN A 46 -17.20 23.53 10.79
N LYS A 47 -17.83 24.12 11.80
CA LYS A 47 -18.68 25.30 11.60
C LYS A 47 -17.98 26.30 10.67
N GLY A 48 -18.66 26.70 9.60
CA GLY A 48 -18.15 27.68 8.66
C GLY A 48 -17.36 27.17 7.46
N ILE A 49 -17.16 25.86 7.37
CA ILE A 49 -16.27 25.33 6.32
C ILE A 49 -16.79 25.57 4.88
N PHE A 50 -18.10 25.47 4.68
CA PHE A 50 -18.62 25.64 3.32
C PHE A 50 -18.49 27.07 2.81
N ASP A 51 -18.75 28.02 3.71
CA ASP A 51 -18.59 29.44 3.36
C ASP A 51 -17.15 29.74 3.00
N ASP A 52 -16.22 29.12 3.73
CA ASP A 52 -14.77 29.30 3.55
C ASP A 52 -14.31 28.74 2.20
N ILE A 53 -14.69 27.50 1.89
CA ILE A 53 -14.29 26.86 0.63
C ILE A 53 -14.90 27.56 -0.58
N GLU A 54 -16.12 28.09 -0.41
CA GLU A 54 -16.84 28.77 -1.50
C GLU A 54 -16.25 30.13 -1.82
N LYS A 55 -15.67 30.78 -0.81
CA LYS A 55 -15.00 32.07 -0.96
C LYS A 55 -13.66 31.95 -1.68
N MET A 56 -13.32 30.73 -2.13
CA MET A 56 -12.02 30.49 -2.76
C MET A 56 -12.05 30.65 -4.28
N PRO A 57 -10.85 30.74 -4.91
CA PRO A 57 -10.77 30.68 -6.36
C PRO A 57 -10.83 29.24 -6.90
N ASN A 58 -11.44 29.10 -8.07
CA ASN A 58 -11.53 27.85 -8.81
C ASN A 58 -12.32 26.77 -8.08
N VAL A 59 -13.23 27.18 -7.19
CA VAL A 59 -14.14 26.17 -6.59
C VAL A 59 -15.06 25.58 -7.67
N ARG A 60 -15.27 24.28 -7.59
CA ARG A 60 -16.14 23.56 -8.54
C ARG A 60 -17.34 22.98 -7.82
N TYR A 61 -18.48 22.98 -8.52
CA TYR A 61 -19.74 22.46 -8.03
C TYR A 61 -20.22 21.36 -8.99
N VAL A 62 -20.19 20.12 -8.53
CA VAL A 62 -20.47 18.99 -9.38
CA VAL A 62 -20.49 18.99 -9.39
C VAL A 62 -21.31 17.98 -8.63
N PRO A 63 -22.26 17.33 -9.32
CA PRO A 63 -23.02 16.29 -8.63
C PRO A 63 -22.09 15.23 -8.08
N GLY A 64 -22.37 14.81 -6.85
CA GLY A 64 -21.60 13.75 -6.19
C GLY A 64 -22.53 12.84 -5.45
N GLY A 65 -22.07 12.36 -4.30
CA GLY A 65 -22.77 11.30 -3.54
C GLY A 65 -22.21 9.97 -3.98
N SER A 66 -21.80 9.14 -3.02
CA SER A 66 -21.14 7.87 -3.34
C SER A 66 -21.99 6.99 -4.25
N GLY A 67 -23.19 6.66 -3.81
CA GLY A 67 -24.04 5.79 -4.62
C GLY A 67 -24.46 6.43 -5.94
N LEU A 68 -24.63 7.76 -5.97
CA LEU A 68 -25.02 8.36 -7.22
C LEU A 68 -23.85 8.30 -8.22
N ASN A 69 -22.62 8.50 -7.74
CA ASN A 69 -21.45 8.25 -8.57
C ASN A 69 -21.42 6.81 -9.13
N VAL A 70 -21.70 5.84 -8.26
CA VAL A 70 -21.68 4.42 -8.63
C VAL A 70 -22.73 4.21 -9.72
N ALA A 71 -23.92 4.76 -9.49
CA ALA A 71 -25.02 4.57 -10.43
C ALA A 71 -24.67 5.18 -11.79
N ARG A 72 -24.01 6.34 -11.79
CA ARG A 72 -23.71 7.01 -13.04
C ARG A 72 -22.60 6.27 -13.79
N VAL A 73 -21.62 5.72 -13.08
CA VAL A 73 -20.57 4.94 -13.74
C VAL A 73 -21.16 3.65 -14.30
N ALA A 74 -22.01 2.98 -13.53
CA ALA A 74 -22.68 1.75 -14.04
C ALA A 74 -23.51 2.03 -15.28
N GLN A 75 -24.28 3.13 -15.24
CA GLN A 75 -25.13 3.45 -16.41
C GLN A 75 -24.27 3.80 -17.63
N TRP A 76 -23.16 4.49 -17.41
CA TRP A 76 -22.24 4.87 -18.50
C TRP A 76 -21.73 3.64 -19.23
N MET A 77 -21.60 2.55 -18.49
CA MET A 77 -21.14 1.28 -19.08
C MET A 77 -22.23 0.49 -19.79
N GLN A 78 -23.48 0.93 -19.65
CA GLN A 78 -24.61 0.24 -20.26
C GLN A 78 -25.50 1.26 -21.01
N GLN A 79 -24.93 2.00 -21.95
CA GLN A 79 -25.66 3.12 -22.53
C GLN A 79 -26.81 2.71 -23.45
N ALA A 80 -26.87 1.44 -23.84
CA ALA A 80 -28.03 0.98 -24.59
C ALA A 80 -29.29 0.82 -23.72
N TYR A 81 -29.14 1.00 -22.41
CA TYR A 81 -30.20 0.71 -21.45
C TYR A 81 -30.55 1.88 -20.58
N LYS A 82 -30.42 3.08 -21.13
CA LYS A 82 -30.86 4.28 -20.41
C LYS A 82 -32.34 4.14 -20.10
N GLY A 83 -32.69 4.46 -18.87
CA GLY A 83 -34.08 4.35 -18.41
C GLY A 83 -34.48 2.94 -18.02
N LYS A 84 -33.60 1.96 -18.29
CA LYS A 84 -33.93 0.56 -18.19
C LYS A 84 -32.94 -0.24 -17.39
N PHE A 85 -32.14 0.43 -16.57
CA PHE A 85 -31.05 -0.27 -15.89
C PHE A 85 -30.99 0.06 -14.40
N VAL A 86 -30.55 1.27 -14.05
CA VAL A 86 -30.40 1.65 -12.66
C VAL A 86 -31.51 2.57 -12.17
N THR A 87 -32.03 2.26 -10.98
CA THR A 87 -32.91 3.18 -10.27
C THR A 87 -32.18 3.59 -9.02
N TYR A 88 -32.17 4.89 -8.73
CA TYR A 88 -31.48 5.46 -7.56
C TYR A 88 -32.53 6.02 -6.62
N VAL A 89 -32.36 5.73 -5.34
CA VAL A 89 -33.22 6.28 -4.29
C VAL A 89 -32.40 7.09 -3.28
N GLY A 90 -32.89 8.29 -2.98
CA GLY A 90 -32.37 9.12 -1.91
C GLY A 90 -33.30 10.31 -1.74
N CYS A 91 -32.92 11.28 -0.89
CA CYS A 91 -33.80 12.37 -0.58
C CYS A 91 -33.07 13.69 -0.87
N ILE A 92 -33.76 14.58 -1.56
CA ILE A 92 -33.25 15.90 -1.90
C ILE A 92 -34.31 16.93 -1.54
N ALA A 93 -33.93 18.20 -1.68
CA ALA A 93 -34.90 19.29 -1.71
C ALA A 93 -35.10 19.76 -3.14
N ASP A 94 -36.22 20.46 -3.40
CA ASP A 94 -36.46 21.05 -4.73
C ASP A 94 -35.77 22.42 -4.82
N ASP A 95 -34.47 22.38 -4.56
CA ASP A 95 -33.63 23.55 -4.63
C ASP A 95 -32.63 23.43 -5.77
N ARG A 96 -31.77 24.44 -5.92
CA ARG A 96 -30.85 24.44 -7.06
C ARG A 96 -29.99 23.18 -7.08
N TYR A 97 -29.40 22.81 -5.93
CA TYR A 97 -28.56 21.60 -5.88
C TYR A 97 -29.35 20.34 -6.19
N GLY A 98 -30.55 20.21 -5.61
CA GLY A 98 -31.41 19.04 -5.84
C GLY A 98 -31.79 18.91 -7.31
N LYS A 99 -32.16 20.04 -7.93
CA LYS A 99 -32.56 20.00 -9.33
C LYS A 99 -31.39 19.54 -10.20
N VAL A 100 -30.19 20.05 -9.91
CA VAL A 100 -28.98 19.66 -10.66
C VAL A 100 -28.62 18.19 -10.46
N LEU A 101 -28.71 17.67 -9.24
CA LEU A 101 -28.39 16.26 -8.99
C LEU A 101 -29.37 15.40 -9.76
N LYS A 102 -30.64 15.75 -9.67
CA LYS A 102 -31.65 14.94 -10.40
C LYS A 102 -31.46 15.02 -11.91
N GLU A 103 -31.18 16.21 -12.41
CA GLU A 103 -31.04 16.42 -13.85
C GLU A 103 -29.86 15.66 -14.43
N ALA A 104 -28.71 15.77 -13.79
CA ALA A 104 -27.51 15.08 -14.28
C ALA A 104 -27.78 13.58 -14.39
N ALA A 105 -28.35 12.96 -13.33
CA ALA A 105 -28.61 11.53 -13.28
C ALA A 105 -29.68 11.16 -14.33
N GLU A 106 -30.78 11.90 -14.39
CA GLU A 106 -31.84 11.56 -15.35
C GLU A 106 -31.39 11.73 -16.80
N HIS A 107 -30.64 12.80 -17.08
CA HIS A 107 -30.08 12.99 -18.38
C HIS A 107 -29.24 11.78 -18.81
N GLU A 108 -28.49 11.19 -17.87
CA GLU A 108 -27.64 10.00 -18.14
C GLU A 108 -28.43 8.69 -18.22
N GLY A 109 -29.73 8.73 -17.89
CA GLY A 109 -30.57 7.50 -18.02
C GLY A 109 -30.87 6.81 -16.69
N ILE A 110 -30.48 7.41 -15.57
CA ILE A 110 -30.83 6.86 -14.28
C ILE A 110 -32.27 7.21 -13.94
N VAL A 111 -33.03 6.24 -13.45
CA VAL A 111 -34.35 6.55 -12.92
C VAL A 111 -34.16 7.06 -11.50
N MET A 112 -34.58 8.29 -11.25
CA MET A 112 -34.34 8.94 -9.97
C MET A 112 -35.59 8.91 -9.10
N ALA A 113 -35.76 7.81 -8.36
CA ALA A 113 -36.91 7.63 -7.51
C ALA A 113 -36.67 8.32 -6.17
N VAL A 114 -36.43 9.64 -6.24
CA VAL A 114 -36.03 10.43 -5.06
C VAL A 114 -37.21 11.05 -4.34
N GLU A 115 -37.04 11.19 -3.04
CA GLU A 115 -37.96 11.92 -2.20
C GLU A 115 -37.63 13.39 -2.25
N HIS A 116 -38.62 14.26 -2.11
CA HIS A 116 -38.36 15.68 -1.90
C HIS A 116 -38.81 16.04 -0.52
N THR A 117 -37.99 16.81 0.16
CA THR A 117 -38.33 17.32 1.49
C THR A 117 -38.19 18.84 1.53
N THR A 118 -38.91 19.48 2.45
CA THR A 118 -38.72 20.89 2.69
C THR A 118 -37.98 21.13 4.02
N LYS A 119 -37.54 20.04 4.65
CA LYS A 119 -36.97 20.12 6.00
C LYS A 119 -35.51 20.59 6.07
N ALA A 120 -34.79 20.42 4.97
CA ALA A 120 -33.42 20.87 4.86
C ALA A 120 -33.15 20.96 3.37
N GLY A 121 -32.17 21.79 3.03
CA GLY A 121 -31.73 21.92 1.63
C GLY A 121 -31.00 20.66 1.21
N SER A 122 -30.84 20.47 -0.11
CA SER A 122 -30.12 19.31 -0.60
C SER A 122 -28.72 19.28 -0.02
N GLY A 123 -28.26 18.04 0.21
CA GLY A 123 -26.95 17.82 0.80
C GLY A 123 -25.79 18.25 -0.06
N ALA A 124 -24.64 18.46 0.59
CA ALA A 124 -23.42 18.84 -0.10
C ALA A 124 -22.23 18.20 0.59
N CYS A 125 -21.13 18.05 -0.13
CA CYS A 125 -19.94 17.46 0.44
C CYS A 125 -18.81 18.39 0.10
N ALA A 126 -18.10 18.87 1.11
CA ALA A 126 -16.88 19.66 0.87
C ALA A 126 -15.77 18.68 0.47
N VAL A 127 -15.16 18.89 -0.70
CA VAL A 127 -14.10 18.01 -1.18
C VAL A 127 -12.83 18.85 -1.14
N CYS A 128 -12.01 18.64 -0.11
CA CYS A 128 -10.85 19.48 0.14
C CYS A 128 -9.61 18.75 -0.40
N ILE A 129 -8.99 19.32 -1.44
CA ILE A 129 -7.94 18.64 -2.19
C ILE A 129 -6.61 19.23 -1.73
N THR A 130 -5.74 18.35 -1.24
CA THR A 130 -4.40 18.73 -0.84
C THR A 130 -3.49 17.76 -1.58
N GLY A 131 -3.01 18.22 -2.73
CA GLY A 131 -2.10 17.44 -3.56
C GLY A 131 -2.81 16.25 -4.12
N LYS A 132 -2.35 15.07 -3.70
CA LYS A 132 -2.84 13.81 -4.24
C LYS A 132 -4.03 13.31 -3.44
N GLU A 133 -4.27 13.94 -2.29
CA GLU A 133 -5.31 13.49 -1.35
C GLU A 133 -6.52 14.41 -1.27
N ARG A 134 -7.66 13.80 -0.98
CA ARG A 134 -8.93 14.49 -0.86
CA ARG A 134 -8.92 14.51 -0.84
C ARG A 134 -9.51 14.20 0.53
N THR A 135 -9.95 15.25 1.23
CA THR A 135 -10.53 15.12 2.57
C THR A 135 -11.99 15.60 2.46
N LEU A 136 -12.93 14.73 2.84
CA LEU A 136 -14.34 14.95 2.51
C LEU A 136 -15.14 15.24 3.76
N VAL A 137 -15.96 16.28 3.71
CA VAL A 137 -16.83 16.66 4.84
C VAL A 137 -18.28 16.71 4.33
N ALA A 138 -19.09 15.73 4.71
CA ALA A 138 -20.43 15.57 4.12
C ALA A 138 -21.49 16.20 5.03
N ASP A 139 -22.26 17.14 4.48
CA ASP A 139 -23.41 17.75 5.15
C ASP A 139 -24.65 17.21 4.49
N LEU A 140 -25.21 16.14 5.06
CA LEU A 140 -26.28 15.43 4.37
C LEU A 140 -27.53 16.26 4.03
N GLY A 141 -27.87 17.21 4.89
CA GLY A 141 -29.07 18.02 4.64
C GLY A 141 -30.28 17.13 4.38
N ALA A 142 -30.95 17.39 3.27
CA ALA A 142 -32.13 16.64 2.89
C ALA A 142 -31.90 15.12 2.91
N ALA A 143 -30.68 14.66 2.61
CA ALA A 143 -30.46 13.21 2.50
C ALA A 143 -30.74 12.51 3.83
N ASN A 144 -30.58 13.23 4.94
CA ASN A 144 -30.79 12.64 6.24
C ASN A 144 -32.27 12.50 6.60
N HIS A 145 -33.14 13.05 5.77
CA HIS A 145 -34.59 13.02 6.00
C HIS A 145 -35.33 11.99 5.14
N LEU A 146 -34.60 11.12 4.46
CA LEU A 146 -35.23 10.04 3.70
C LEU A 146 -36.17 9.25 4.64
N SER A 147 -37.46 9.19 4.25
CA SER A 147 -38.50 8.66 5.16
C SER A 147 -38.97 7.22 4.88
N SER A 148 -39.52 6.60 5.91
CA SER A 148 -40.12 5.31 5.74
C SER A 148 -41.31 5.42 4.80
N GLU A 149 -42.00 6.57 4.84
CA GLU A 149 -43.14 6.77 3.93
C GLU A 149 -42.64 6.66 2.48
N HIS A 150 -41.51 7.31 2.19
CA HIS A 150 -40.99 7.22 0.84
C HIS A 150 -40.57 5.79 0.50
N MET A 151 -39.93 5.11 1.44
CA MET A 151 -39.51 3.71 1.21
C MET A 151 -40.68 2.76 0.86
N ARG A 152 -41.89 3.09 1.30
CA ARG A 152 -43.08 2.25 1.08
C ARG A 152 -43.91 2.79 -0.05
N SER A 153 -43.45 3.89 -0.69
CA SER A 153 -44.19 4.54 -1.77
C SER A 153 -44.19 3.68 -3.03
N PRO A 154 -45.23 3.82 -3.87
CA PRO A 154 -45.35 2.97 -5.08
C PRO A 154 -44.11 2.98 -5.98
N ALA A 155 -43.53 4.15 -6.23
CA ALA A 155 -42.36 4.28 -7.10
C ALA A 155 -41.16 3.49 -6.58
N VAL A 156 -40.93 3.54 -5.26
CA VAL A 156 -39.83 2.82 -4.63
C VAL A 156 -40.10 1.30 -4.57
N VAL A 157 -41.31 0.91 -4.20
CA VAL A 157 -41.62 -0.54 -4.13
C VAL A 157 -41.58 -1.16 -5.53
N ARG A 158 -42.08 -0.42 -6.52
CA ARG A 158 -42.02 -0.85 -7.91
C ARG A 158 -40.58 -1.04 -8.34
N ALA A 159 -39.73 -0.08 -8.01
CA ALA A 159 -38.31 -0.21 -8.35
C ALA A 159 -37.64 -1.39 -7.68
N MET A 160 -37.95 -1.61 -6.41
CA MET A 160 -37.40 -2.77 -5.73
C MET A 160 -37.93 -4.08 -6.35
N ASP A 161 -39.23 -4.12 -6.64
CA ASP A 161 -39.80 -5.35 -7.21
C ASP A 161 -39.20 -5.73 -8.56
N GLU A 162 -38.78 -4.72 -9.33
CA GLU A 162 -38.24 -5.00 -10.68
C GLU A 162 -36.70 -5.22 -10.71
N SER A 163 -36.04 -4.89 -9.59
CA SER A 163 -34.56 -4.98 -9.51
C SER A 163 -34.12 -6.35 -9.04
N ARG A 164 -32.90 -6.74 -9.41
CA ARG A 164 -32.34 -8.02 -8.95
C ARG A 164 -31.00 -7.87 -8.25
N ILE A 165 -30.41 -6.68 -8.37
CA ILE A 165 -29.17 -6.36 -7.66
C ILE A 165 -29.42 -5.07 -6.86
N PHE A 166 -29.13 -5.12 -5.56
CA PHE A 166 -29.38 -4.02 -4.64
C PHE A 166 -28.05 -3.61 -4.07
N TYR A 167 -27.72 -2.33 -4.25
CA TYR A 167 -26.47 -1.80 -3.75
C TYR A 167 -26.75 -0.61 -2.86
N PHE A 168 -26.26 -0.71 -1.63
CA PHE A 168 -26.29 0.41 -0.69
C PHE A 168 -24.90 0.80 -0.31
N SER A 169 -24.64 2.10 -0.25
CA SER A 169 -23.37 2.53 0.34
CA SER A 169 -23.39 2.55 0.35
C SER A 169 -23.42 2.32 1.84
N GLY A 170 -22.25 2.09 2.44
CA GLY A 170 -22.15 2.06 3.88
C GLY A 170 -22.64 3.37 4.48
N PHE A 171 -22.48 4.46 3.74
CA PHE A 171 -22.98 5.77 4.20
C PHE A 171 -24.48 5.82 4.51
N THR A 172 -25.27 4.92 3.92
CA THR A 172 -26.69 4.84 4.27
C THR A 172 -26.94 4.44 5.73
N LEU A 173 -25.95 3.85 6.38
CA LEU A 173 -26.17 3.34 7.74
C LEU A 173 -26.29 4.46 8.77
N THR A 174 -25.91 5.67 8.36
CA THR A 174 -26.04 6.82 9.29
C THR A 174 -27.42 7.48 9.27
N VAL A 175 -28.27 7.06 8.34
CA VAL A 175 -29.59 7.67 8.15
C VAL A 175 -30.62 6.81 8.91
N ASP A 176 -31.09 5.73 8.30
CA ASP A 176 -31.97 4.80 9.02
C ASP A 176 -31.70 3.38 8.57
N VAL A 177 -31.20 2.58 9.48
CA VAL A 177 -30.87 1.19 9.17
C VAL A 177 -32.07 0.40 8.65
N ASN A 178 -33.25 0.75 9.15
CA ASN A 178 -34.47 0.11 8.68
C ASN A 178 -34.72 0.29 7.18
N HIS A 179 -34.28 1.40 6.58
CA HIS A 179 -34.44 1.55 5.13
C HIS A 179 -33.60 0.51 4.41
N VAL A 180 -32.39 0.28 4.92
CA VAL A 180 -31.48 -0.71 4.37
C VAL A 180 -32.08 -2.08 4.54
N LEU A 181 -32.60 -2.38 5.73
CA LEU A 181 -33.18 -3.72 5.98
C LEU A 181 -34.36 -4.03 5.05
N GLN A 182 -35.11 -3.00 4.67
CA GLN A 182 -36.22 -3.20 3.72
C GLN A 182 -35.66 -3.77 2.40
N ALA A 183 -34.60 -3.18 1.90
CA ALA A 183 -33.97 -3.71 0.68
C ALA A 183 -33.32 -5.08 0.90
N CYS A 184 -32.74 -5.31 2.08
CA CYS A 184 -32.18 -6.63 2.37
C CYS A 184 -33.24 -7.73 2.26
N ARG A 185 -34.41 -7.49 2.84
CA ARG A 185 -35.50 -8.44 2.76
C ARG A 185 -36.03 -8.54 1.32
N LYS A 186 -36.12 -7.41 0.60
CA LYS A 186 -36.58 -7.48 -0.79
C LYS A 186 -35.65 -8.31 -1.67
N ALA A 187 -34.34 -8.15 -1.48
CA ALA A 187 -33.38 -8.94 -2.26
C ALA A 187 -33.63 -10.44 -2.08
N ARG A 188 -33.99 -10.86 -0.85
CA ARG A 188 -34.33 -12.28 -0.64
C ARG A 188 -35.62 -12.67 -1.37
N GLU A 189 -36.64 -11.81 -1.26
CA GLU A 189 -37.92 -12.02 -1.90
C GLU A 189 -37.79 -12.28 -3.39
N VAL A 190 -36.96 -11.49 -4.06
CA VAL A 190 -36.80 -11.62 -5.51
C VAL A 190 -35.65 -12.54 -5.95
N ASP A 191 -35.04 -13.28 -5.01
CA ASP A 191 -33.88 -14.13 -5.32
C ASP A 191 -32.80 -13.30 -6.03
N GLY A 192 -32.52 -12.14 -5.45
CA GLY A 192 -31.55 -11.15 -5.98
C GLY A 192 -30.29 -11.22 -5.16
N LEU A 193 -29.52 -10.15 -5.26
CA LEU A 193 -28.26 -9.96 -4.56
C LEU A 193 -28.26 -8.66 -3.82
N PHE A 194 -27.74 -8.68 -2.60
CA PHE A 194 -27.56 -7.47 -1.83
C PHE A 194 -26.09 -7.22 -1.61
N MET A 195 -25.66 -5.99 -1.91
CA MET A 195 -24.26 -5.61 -1.85
CA MET A 195 -24.26 -5.61 -1.85
C MET A 195 -24.12 -4.32 -1.09
N ILE A 196 -23.07 -4.23 -0.28
CA ILE A 196 -22.74 -2.99 0.42
CA ILE A 196 -22.76 -2.99 0.44
C ILE A 196 -21.28 -2.64 0.23
N ASN A 197 -20.97 -1.36 0.28
CA ASN A 197 -19.59 -0.91 0.40
CA ASN A 197 -19.56 -1.06 0.48
C ASN A 197 -19.40 -0.45 1.83
N LEU A 198 -18.21 -0.64 2.39
CA LEU A 198 -17.94 -0.18 3.75
C LEU A 198 -17.82 1.35 3.89
N SER A 199 -17.54 2.03 2.77
CA SER A 199 -17.57 3.53 2.63
C SER A 199 -16.51 4.33 3.37
N ALA A 200 -16.35 4.10 4.66
CA ALA A 200 -15.39 4.88 5.43
C ALA A 200 -15.07 4.21 6.73
N PRO A 201 -13.84 4.37 7.21
CA PRO A 201 -13.56 3.82 8.52
C PRO A 201 -14.54 4.26 9.58
N PHE A 202 -15.12 5.45 9.50
CA PHE A 202 -16.06 5.88 10.57
C PHE A 202 -17.35 5.08 10.67
N ILE A 203 -17.69 4.40 9.58
CA ILE A 203 -18.84 3.51 9.59
C ILE A 203 -18.56 2.37 10.58
N MET A 204 -17.39 1.75 10.48
CA MET A 204 -17.01 0.68 11.40
C MET A 204 -16.77 1.17 12.84
N GLN A 205 -16.29 2.39 12.98
CA GLN A 205 -16.01 2.96 14.30
C GLN A 205 -17.26 3.36 15.08
N PHE A 206 -18.23 3.99 14.39
CA PHE A 206 -19.37 4.62 15.04
C PHE A 206 -20.76 4.10 14.64
N PHE A 207 -20.83 3.31 13.56
CA PHE A 207 -22.09 2.71 13.09
C PHE A 207 -21.98 1.19 12.98
N SER A 208 -21.24 0.59 13.91
CA SER A 208 -21.01 -0.83 13.87
C SER A 208 -22.29 -1.62 14.20
N ALA A 209 -23.17 -1.07 15.04
CA ALA A 209 -24.43 -1.79 15.36
C ALA A 209 -25.28 -1.88 14.10
N GLN A 210 -25.39 -0.77 13.39
CA GLN A 210 -26.15 -0.72 12.13
C GLN A 210 -25.53 -1.65 11.10
N LEU A 211 -24.22 -1.56 10.94
CA LEU A 211 -23.52 -2.44 10.02
C LEU A 211 -23.76 -3.91 10.40
N GLY A 212 -23.71 -4.22 11.68
CA GLY A 212 -23.96 -5.59 12.14
C GLY A 212 -25.35 -6.12 11.81
N GLU A 213 -26.34 -5.23 11.82
CA GLU A 213 -27.71 -5.63 11.48
C GLU A 213 -27.82 -6.06 10.02
N VAL A 214 -27.03 -5.39 9.17
CA VAL A 214 -27.14 -5.58 7.72
C VAL A 214 -26.24 -6.69 7.18
N LEU A 215 -25.10 -6.94 7.81
CA LEU A 215 -24.13 -7.90 7.24
C LEU A 215 -24.67 -9.32 6.96
N PRO A 216 -25.46 -9.89 7.88
CA PRO A 216 -25.98 -11.25 7.60
C PRO A 216 -26.76 -11.34 6.28
N TYR A 217 -27.38 -10.23 5.87
CA TYR A 217 -28.20 -10.21 4.65
C TYR A 217 -27.37 -9.80 3.44
N THR A 218 -26.08 -9.53 3.66
CA THR A 218 -25.22 -8.97 2.62
C THR A 218 -24.49 -10.09 1.90
N ASP A 219 -24.77 -10.23 0.61
CA ASP A 219 -24.01 -11.18 -0.20
C ASP A 219 -22.60 -10.69 -0.56
N ILE A 220 -22.45 -9.45 -1.02
CA ILE A 220 -21.14 -9.00 -1.47
C ILE A 220 -20.76 -7.77 -0.64
N ILE A 221 -19.59 -7.84 -0.03
CA ILE A 221 -19.05 -6.74 0.73
C ILE A 221 -17.85 -6.21 -0.06
N VAL A 222 -17.88 -4.92 -0.36
CA VAL A 222 -16.81 -4.27 -1.15
C VAL A 222 -16.19 -3.19 -0.26
N ALA A 223 -14.85 -3.09 -0.26
CA ALA A 223 -14.17 -2.03 0.49
C ALA A 223 -12.79 -1.80 -0.08
N ASN A 224 -12.10 -0.79 0.43
CA ASN A 224 -10.70 -0.63 0.12
C ASN A 224 -9.80 -1.20 1.22
N ARG A 225 -8.49 -1.03 1.05
CA ARG A 225 -7.50 -1.61 1.98
C ARG A 225 -7.71 -1.06 3.40
N HIS A 226 -7.92 0.24 3.49
CA HIS A 226 -8.04 0.89 4.77
C HIS A 226 -9.29 0.45 5.55
N GLU A 227 -10.42 0.41 4.85
CA GLU A 227 -11.68 -0.02 5.42
C GLU A 227 -11.59 -1.48 5.81
N ALA A 228 -10.88 -2.30 5.04
CA ALA A 228 -10.72 -3.70 5.41
C ALA A 228 -9.99 -3.82 6.75
N LYS A 229 -8.92 -3.04 6.91
CA LYS A 229 -8.20 -3.05 8.19
C LYS A 229 -9.08 -2.54 9.33
N GLU A 230 -9.93 -1.55 9.05
CA GLU A 230 -10.82 -1.02 10.09
C GLU A 230 -11.87 -2.05 10.47
N PHE A 231 -12.34 -2.81 9.47
CA PHE A 231 -13.28 -3.92 9.68
C PHE A 231 -12.66 -4.99 10.55
N ALA A 232 -11.41 -5.36 10.26
CA ALA A 232 -10.64 -6.25 11.16
C ALA A 232 -10.59 -5.71 12.59
N ASN A 233 -10.32 -4.41 12.76
CA ASN A 233 -10.27 -3.78 14.09
CA ASN A 233 -10.28 -3.81 14.09
C ASN A 233 -11.62 -3.89 14.81
N MET A 234 -12.70 -3.60 14.08
CA MET A 234 -14.07 -3.71 14.58
C MET A 234 -14.37 -5.13 15.05
N MET A 235 -13.93 -6.11 14.27
CA MET A 235 -14.16 -7.51 14.57
C MET A 235 -13.24 -8.07 15.66
N LYS A 236 -12.22 -7.29 16.04
CA LYS A 236 -11.14 -7.68 16.96
C LYS A 236 -10.25 -8.77 16.40
N TRP A 237 -10.21 -8.86 15.06
CA TRP A 237 -9.31 -9.77 14.38
C TRP A 237 -7.88 -9.22 14.38
N ASP A 238 -6.97 -10.04 14.85
CA ASP A 238 -5.58 -9.66 14.98
C ASP A 238 -4.81 -9.89 13.68
N THR A 239 -5.12 -9.08 12.66
CA THR A 239 -4.48 -9.22 11.35
C THR A 239 -4.66 -7.95 10.56
N ASP A 240 -3.59 -7.56 9.86
CA ASP A 240 -3.64 -6.49 8.85
C ASP A 240 -3.44 -7.03 7.44
N CYS A 241 -3.52 -8.35 7.30
CA CYS A 241 -3.38 -9.02 6.03
CA CYS A 241 -3.38 -8.97 6.00
C CYS A 241 -4.71 -9.01 5.29
N VAL A 242 -4.79 -8.25 4.20
CA VAL A 242 -6.04 -8.06 3.48
C VAL A 242 -6.63 -9.37 2.97
N GLU A 243 -5.78 -10.27 2.50
CA GLU A 243 -6.25 -11.58 2.07
C GLU A 243 -6.91 -12.32 3.24
N GLU A 244 -6.28 -12.28 4.41
CA GLU A 244 -6.82 -12.98 5.60
C GLU A 244 -8.11 -12.32 6.07
N ILE A 245 -8.16 -10.99 6.06
CA ILE A 245 -9.40 -10.28 6.41
C ILE A 245 -10.54 -10.69 5.49
N ALA A 246 -10.26 -10.76 4.19
CA ALA A 246 -11.26 -11.21 3.22
C ALA A 246 -11.74 -12.65 3.48
N ARG A 247 -10.79 -13.57 3.73
CA ARG A 247 -11.10 -14.97 4.06
C ARG A 247 -12.07 -15.01 5.24
N ARG A 248 -11.73 -14.27 6.30
CA ARG A 248 -12.55 -14.28 7.50
C ARG A 248 -13.93 -13.58 7.29
N ALA A 249 -14.00 -12.57 6.44
CA ALA A 249 -15.29 -11.89 6.20
C ALA A 249 -16.20 -12.83 5.43
N VAL A 250 -15.60 -13.77 4.71
CA VAL A 250 -16.39 -14.76 3.99
C VAL A 250 -17.03 -15.74 4.97
N SER A 251 -16.23 -16.27 5.90
CA SER A 251 -16.66 -17.44 6.66
C SER A 251 -17.01 -17.15 8.13
N GLU A 252 -16.62 -15.98 8.63
CA GLU A 252 -16.76 -15.72 10.04
C GLU A 252 -17.82 -14.66 10.32
N VAL A 253 -18.07 -13.78 9.37
CA VAL A 253 -19.10 -12.77 9.51
C VAL A 253 -20.42 -13.41 9.18
N PRO A 254 -21.42 -13.26 10.08
CA PRO A 254 -22.71 -13.95 9.93
C PRO A 254 -23.24 -13.77 8.50
N TYR A 255 -23.77 -14.85 7.92
CA TYR A 255 -24.33 -14.82 6.57
C TYR A 255 -25.50 -15.80 6.50
N THR A 256 -26.66 -15.29 6.11
CA THR A 256 -27.87 -16.11 6.03
C THR A 256 -28.39 -16.25 4.60
N GLY A 257 -27.59 -15.83 3.62
CA GLY A 257 -28.02 -15.91 2.23
C GLY A 257 -27.68 -17.22 1.56
N THR A 258 -28.08 -17.32 0.29
CA THR A 258 -27.90 -18.54 -0.50
C THR A 258 -27.08 -18.32 -1.76
N LYS A 259 -26.92 -17.05 -2.18
CA LYS A 259 -26.17 -16.74 -3.41
C LYS A 259 -24.66 -16.97 -3.24
N GLY A 260 -24.17 -16.80 -2.02
CA GLY A 260 -22.77 -17.05 -1.68
C GLY A 260 -22.18 -15.69 -1.31
N ARG A 261 -21.46 -15.66 -0.20
CA ARG A 261 -20.79 -14.45 0.26
C ARG A 261 -19.51 -14.20 -0.54
N VAL A 262 -19.34 -12.97 -1.02
CA VAL A 262 -18.18 -12.54 -1.80
C VAL A 262 -17.60 -11.33 -1.08
N VAL A 263 -16.28 -11.24 -1.00
CA VAL A 263 -15.64 -10.08 -0.43
C VAL A 263 -14.63 -9.55 -1.43
N VAL A 264 -14.67 -8.24 -1.68
CA VAL A 264 -13.80 -7.60 -2.67
C VAL A 264 -13.11 -6.41 -2.00
N PHE A 265 -11.79 -6.44 -1.88
CA PHE A 265 -11.05 -5.33 -1.26
C PHE A 265 -10.04 -4.80 -2.27
N THR A 266 -10.23 -3.54 -2.65
CA THR A 266 -9.32 -2.90 -3.59
C THR A 266 -8.10 -2.35 -2.86
N ARG A 267 -7.00 -2.22 -3.63
CA ARG A 267 -5.72 -1.87 -3.04
C ARG A 267 -4.95 -0.84 -3.86
N ASP A 268 -5.67 0.16 -4.39
CA ASP A 268 -5.12 1.15 -5.35
C ASP A 268 -4.27 0.52 -6.47
N ILE A 269 -2.94 0.70 -6.48
CA ILE A 269 -2.10 0.13 -7.56
C ILE A 269 -1.81 -1.37 -7.32
N GLU A 270 -2.06 -1.84 -6.09
CA GLU A 270 -1.81 -3.25 -5.82
C GLU A 270 -3.05 -4.05 -6.17
N SER A 271 -2.88 -5.37 -6.22
CA SER A 271 -3.99 -6.20 -6.70
C SER A 271 -5.26 -6.17 -5.82
N THR A 272 -6.40 -6.33 -6.47
CA THR A 272 -7.67 -6.41 -5.79
C THR A 272 -7.82 -7.82 -5.22
N VAL A 273 -8.26 -7.88 -3.97
CA VAL A 273 -8.43 -9.17 -3.26
C VAL A 273 -9.88 -9.61 -3.44
N LEU A 274 -10.07 -10.83 -3.92
CA LEU A 274 -11.39 -11.37 -4.25
C LEU A 274 -11.53 -12.69 -3.49
N ALA A 275 -12.48 -12.76 -2.56
CA ALA A 275 -12.64 -14.01 -1.76
C ALA A 275 -14.06 -14.51 -1.80
N THR A 276 -14.18 -15.83 -1.84
CA THR A 276 -15.47 -16.51 -1.75
C THR A 276 -15.25 -17.77 -0.90
N LYS A 277 -16.30 -18.56 -0.68
CA LYS A 277 -16.15 -19.82 0.04
C LYS A 277 -15.11 -20.70 -0.65
N ASP A 278 -14.87 -20.44 -1.94
CA ASP A 278 -14.00 -21.31 -2.75
C ASP A 278 -12.52 -20.99 -2.62
N GLY A 279 -12.21 -19.88 -1.96
CA GLY A 279 -10.82 -19.46 -1.77
C GLY A 279 -10.64 -17.97 -2.01
N VAL A 280 -9.39 -17.53 -1.94
CA VAL A 280 -9.03 -16.15 -2.11
C VAL A 280 -8.12 -16.04 -3.32
N GLU A 281 -8.42 -15.07 -4.21
CA GLU A 281 -7.58 -14.79 -5.37
C GLU A 281 -7.23 -13.30 -5.37
N THR A 282 -6.25 -12.95 -6.18
CA THR A 282 -5.94 -11.55 -6.41
C THR A 282 -6.11 -11.25 -7.90
N VAL A 283 -6.64 -10.06 -8.17
CA VAL A 283 -6.85 -9.61 -9.52
C VAL A 283 -5.94 -8.40 -9.77
N PRO A 284 -4.94 -8.55 -10.66
CA PRO A 284 -3.98 -7.45 -10.87
C PRO A 284 -4.61 -6.21 -11.43
N VAL A 285 -4.08 -5.07 -11.02
CA VAL A 285 -4.52 -3.79 -11.56
C VAL A 285 -3.56 -3.44 -12.70
N PRO A 286 -4.11 -3.14 -13.90
CA PRO A 286 -3.23 -2.83 -15.03
C PRO A 286 -2.31 -1.63 -14.75
N GLN A 287 -1.07 -1.72 -15.16
CA GLN A 287 -0.10 -0.64 -14.99
C GLN A 287 -0.65 0.64 -15.61
N LEU A 288 -0.48 1.75 -14.89
CA LEU A 288 -0.90 3.07 -15.37
C LEU A 288 0.18 4.07 -15.00
N ASP A 289 0.60 4.88 -15.98
CA ASP A 289 1.54 5.98 -15.72
C ASP A 289 0.94 7.00 -14.76
N GLN A 290 1.59 7.14 -13.60
CA GLN A 290 1.03 7.91 -12.48
C GLN A 290 0.89 9.40 -12.78
N ASP A 291 1.59 9.86 -13.81
CA ASP A 291 1.45 11.21 -14.29
C ASP A 291 0.11 11.44 -15.00
N LYS A 292 -0.61 10.35 -15.27
CA LYS A 292 -1.97 10.46 -15.81
C LYS A 292 -3.04 10.50 -14.73
N VAL A 293 -2.67 10.16 -13.51
CA VAL A 293 -3.62 10.16 -12.41
C VAL A 293 -3.74 11.60 -11.90
N ILE A 294 -4.92 12.18 -12.05
CA ILE A 294 -5.18 13.56 -11.67
C ILE A 294 -5.87 13.66 -10.29
N ASP A 295 -5.67 14.79 -9.59
CA ASP A 295 -6.14 14.98 -8.20
C ASP A 295 -7.63 15.35 -8.05
N MET A 296 -8.40 15.20 -9.12
CA MET A 296 -9.79 15.60 -9.13
C MET A 296 -10.72 14.57 -8.48
N ASN A 297 -10.82 13.39 -9.12
CA ASN A 297 -11.74 12.34 -8.74
C ASN A 297 -11.08 11.26 -7.87
N GLY A 298 -11.92 10.58 -7.11
CA GLY A 298 -11.49 9.40 -6.37
C GLY A 298 -11.83 8.20 -7.24
N ALA A 299 -11.45 7.02 -6.76
CA ALA A 299 -11.50 5.76 -7.57
C ALA A 299 -12.54 4.76 -7.06
N GLY A 300 -13.00 4.92 -5.82
CA GLY A 300 -13.78 3.84 -5.17
C GLY A 300 -15.15 3.66 -5.79
N ASP A 301 -15.91 4.75 -5.89
CA ASP A 301 -17.22 4.64 -6.52
C ASP A 301 -17.10 4.19 -7.97
N ALA A 302 -16.08 4.66 -8.67
CA ALA A 302 -15.90 4.27 -10.08
C ALA A 302 -15.63 2.78 -10.21
N PHE A 303 -14.79 2.24 -9.30
CA PHE A 303 -14.59 0.78 -9.28
C PHE A 303 -15.94 0.07 -9.12
N MET A 304 -16.73 0.50 -8.13
CA MET A 304 -17.99 -0.16 -7.83
C MET A 304 -18.96 -0.05 -9.02
N GLY A 305 -18.99 1.10 -9.68
CA GLY A 305 -19.82 1.22 -10.90
C GLY A 305 -19.49 0.20 -11.98
N GLY A 306 -18.19 0.00 -12.25
CA GLY A 306 -17.78 -0.92 -13.30
C GLY A 306 -18.10 -2.34 -12.85
N PHE A 307 -17.79 -2.65 -11.60
CA PHE A 307 -18.12 -3.95 -11.02
C PHE A 307 -19.60 -4.30 -11.23
N LEU A 308 -20.49 -3.37 -10.90
CA LEU A 308 -21.94 -3.61 -11.07
C LEU A 308 -22.34 -3.74 -12.52
N SER A 309 -21.73 -2.94 -13.40
CA SER A 309 -22.07 -3.03 -14.83
C SER A 309 -21.77 -4.40 -15.43
N ALA A 310 -20.72 -5.05 -14.93
CA ALA A 310 -20.37 -6.39 -15.40
C ALA A 310 -21.18 -7.44 -14.69
N TYR A 311 -21.44 -7.23 -13.41
CA TYR A 311 -22.18 -8.22 -12.62
C TYR A 311 -23.59 -8.33 -13.19
N ALA A 312 -24.16 -7.19 -13.58
CA ALA A 312 -25.52 -7.12 -14.12
C ALA A 312 -25.70 -7.90 -15.42
N VAL A 313 -24.60 -8.15 -16.16
CA VAL A 313 -24.68 -8.94 -17.39
C VAL A 313 -24.11 -10.35 -17.24
N GLY A 314 -23.96 -10.77 -15.98
CA GLY A 314 -23.63 -12.15 -15.63
C GLY A 314 -22.16 -12.53 -15.79
N LYS A 315 -21.25 -11.57 -15.79
CA LYS A 315 -19.83 -11.90 -15.92
C LYS A 315 -19.32 -12.50 -14.60
N ASP A 316 -18.33 -13.39 -14.68
CA ASP A 316 -17.74 -13.93 -13.45
C ASP A 316 -17.10 -12.87 -12.58
N LEU A 317 -16.87 -13.22 -11.31
CA LEU A 317 -16.43 -12.25 -10.31
C LEU A 317 -15.11 -11.58 -10.68
N ARG A 318 -14.18 -12.36 -11.21
CA ARG A 318 -12.90 -11.79 -11.59
C ARG A 318 -13.05 -10.74 -12.71
N ARG A 319 -13.92 -11.02 -13.68
CA ARG A 319 -14.25 -10.08 -14.75
C ARG A 319 -14.94 -8.81 -14.23
N CYS A 320 -15.76 -8.96 -13.20
CA CYS A 320 -16.42 -7.82 -12.55
C CYS A 320 -15.33 -6.91 -11.98
N CYS A 321 -14.33 -7.53 -11.35
CA CYS A 321 -13.16 -6.78 -10.83
C CYS A 321 -12.35 -6.09 -11.95
N GLU A 322 -12.04 -6.82 -13.01
CA GLU A 322 -11.37 -6.25 -14.20
C GLU A 322 -12.14 -5.04 -14.73
N THR A 323 -13.47 -5.15 -14.77
CA THR A 323 -14.29 -4.03 -15.28
C THR A 323 -14.23 -2.83 -14.32
N GLY A 324 -14.27 -3.10 -13.02
CA GLY A 324 -14.13 -2.05 -12.02
C GLY A 324 -12.77 -1.38 -12.14
N HIS A 325 -11.72 -2.15 -12.44
CA HIS A 325 -10.40 -1.51 -12.64
C HIS A 325 -10.44 -0.58 -13.85
N TYR A 326 -11.11 -1.01 -14.91
CA TYR A 326 -11.21 -0.20 -16.10
C TYR A 326 -11.89 1.16 -15.77
N THR A 327 -13.07 1.10 -15.17
CA THR A 327 -13.81 2.30 -14.88
C THR A 327 -13.08 3.19 -13.88
N ALA A 328 -12.48 2.59 -12.86
CA ALA A 328 -11.70 3.39 -11.89
C ALA A 328 -10.53 4.11 -12.58
N GLN A 329 -9.84 3.38 -13.45
CA GLN A 329 -8.72 3.96 -14.16
C GLN A 329 -9.17 5.07 -15.12
N GLU A 330 -10.36 4.93 -15.68
CA GLU A 330 -10.86 6.01 -16.56
C GLU A 330 -11.15 7.27 -15.74
N VAL A 331 -11.85 7.10 -14.64
CA VAL A 331 -12.33 8.22 -13.82
C VAL A 331 -11.17 9.01 -13.20
N ILE A 332 -10.14 8.31 -12.74
CA ILE A 332 -9.03 9.00 -12.06
C ILE A 332 -8.13 9.77 -13.04
N GLN A 333 -8.29 9.46 -14.32
CA GLN A 333 -7.58 10.19 -15.38
C GLN A 333 -8.35 11.43 -15.87
N ARG A 334 -9.51 11.71 -15.30
CA ARG A 334 -10.29 12.88 -15.74
C ARG A 334 -9.80 14.15 -15.05
N ASP A 335 -9.73 15.24 -15.80
CA ASP A 335 -9.12 16.49 -15.32
C ASP A 335 -10.09 17.46 -14.63
N PRO A 340 -15.63 12.23 -21.67
CA PRO A 340 -15.38 10.94 -22.33
C PRO A 340 -16.70 10.19 -22.61
N GLU A 341 -17.15 10.26 -23.86
CA GLU A 341 -18.51 9.89 -24.26
C GLU A 341 -18.90 8.44 -23.96
N LYS A 342 -18.12 7.51 -24.48
CA LYS A 342 -18.46 6.11 -24.44
C LYS A 342 -17.27 5.32 -23.96
N PRO A 343 -17.52 4.22 -23.25
CA PRO A 343 -16.43 3.35 -22.80
C PRO A 343 -15.74 2.66 -23.98
N SER A 344 -14.48 2.28 -23.76
CA SER A 344 -13.69 1.54 -24.73
C SER A 344 -13.38 0.15 -24.17
N PHE A 345 -14.24 -0.32 -23.27
CA PHE A 345 -14.06 -1.59 -22.58
C PHE A 345 -15.46 -2.06 -22.30
N SER A 346 -15.72 -3.32 -22.61
CA SER A 346 -16.98 -3.93 -22.19
C SER A 346 -16.74 -5.19 -21.38
N PRO A 347 -17.55 -5.42 -20.35
CA PRO A 347 -17.50 -6.62 -19.54
C PRO A 347 -17.32 -7.89 -20.39
N ALA B 6 12.71 19.39 4.15
CA ALA B 6 12.60 18.16 3.29
C ALA B 6 13.85 17.31 3.37
N PRO B 7 13.69 15.97 3.46
CA PRO B 7 14.86 15.10 3.48
C PRO B 7 15.67 15.23 2.19
N LEU B 8 16.99 15.07 2.30
CA LEU B 8 17.85 14.85 1.16
C LEU B 8 17.38 13.62 0.36
N ARG B 9 17.50 13.70 -0.96
CA ARG B 9 17.06 12.59 -1.82
C ARG B 9 18.02 11.44 -1.73
N VAL B 10 17.44 10.24 -1.72
CA VAL B 10 18.19 9.02 -1.45
C VAL B 10 18.06 8.10 -2.65
N TYR B 11 19.19 7.51 -3.04
CA TYR B 11 19.24 6.59 -4.17
C TYR B 11 19.68 5.27 -3.56
N VAL B 12 18.87 4.22 -3.77
CA VAL B 12 19.15 2.86 -3.30
C VAL B 12 19.26 1.92 -4.49
N GLN B 13 20.30 1.08 -4.48
CA GLN B 13 20.42 0.07 -5.50
C GLN B 13 20.69 -1.26 -4.84
N CYS B 14 19.95 -2.28 -5.30
CA CYS B 14 20.07 -3.64 -4.81
C CYS B 14 19.37 -4.58 -5.80
N ASN B 15 19.10 -5.80 -5.33
CA ASN B 15 18.49 -6.86 -6.08
C ASN B 15 17.06 -7.06 -5.56
N PRO B 16 16.05 -6.67 -6.36
CA PRO B 16 14.67 -6.86 -5.88
C PRO B 16 14.27 -8.33 -5.93
N LEU B 17 13.92 -8.89 -4.78
CA LEU B 17 13.60 -10.29 -4.64
C LEU B 17 12.24 -10.47 -3.99
N LEU B 18 11.46 -11.45 -4.46
CA LEU B 18 10.29 -11.89 -3.70
C LEU B 18 10.72 -12.93 -2.65
N ASP B 19 10.44 -12.67 -1.39
CA ASP B 19 10.74 -13.65 -0.31
C ASP B 19 9.67 -14.73 -0.22
N VAL B 20 10.14 -15.97 -0.25
CA VAL B 20 9.31 -17.12 -0.11
C VAL B 20 9.69 -17.69 1.24
N SER B 21 8.81 -17.49 2.22
CA SER B 21 9.15 -17.61 3.62
C SER B 21 8.33 -18.72 4.28
N ALA B 22 9.00 -19.63 4.98
CA ALA B 22 8.31 -20.70 5.68
C ALA B 22 9.11 -21.21 6.84
N HIS B 23 8.40 -21.72 7.83
CA HIS B 23 8.99 -22.40 8.96
C HIS B 23 9.41 -23.76 8.44
N VAL B 24 10.65 -24.14 8.71
CA VAL B 24 11.14 -25.45 8.25
C VAL B 24 11.80 -26.17 9.40
N SER B 25 12.01 -27.47 9.22
CA SER B 25 12.66 -28.29 10.24
C SER B 25 14.18 -28.10 10.19
N ASP B 26 14.89 -28.56 11.23
CA ASP B 26 16.35 -28.52 11.20
CA ASP B 26 16.36 -28.55 11.22
C ASP B 26 16.88 -29.48 10.13
N GLU B 27 16.15 -30.57 9.89
CA GLU B 27 16.52 -31.53 8.85
C GLU B 27 16.43 -30.90 7.47
N PHE B 28 15.52 -29.96 7.30
CA PHE B 28 15.45 -29.23 6.04
C PHE B 28 16.75 -28.46 5.81
N LEU B 29 17.30 -27.84 6.85
CA LEU B 29 18.53 -27.08 6.67
C LEU B 29 19.67 -28.05 6.27
N VAL B 30 19.70 -29.18 6.96
CA VAL B 30 20.68 -30.24 6.67
C VAL B 30 20.58 -30.75 5.23
N LYS B 31 19.35 -31.05 4.79
CA LYS B 31 19.09 -31.54 3.43
C LYS B 31 19.74 -30.65 2.36
N TYR B 32 19.68 -29.33 2.59
CA TYR B 32 20.15 -28.34 1.61
C TYR B 32 21.54 -27.77 1.90
N GLY B 33 22.23 -28.37 2.87
CA GLY B 33 23.59 -27.97 3.22
C GLY B 33 23.69 -26.56 3.75
N LEU B 34 22.69 -26.15 4.53
CA LEU B 34 22.62 -24.78 4.95
C LEU B 34 23.12 -24.56 6.36
N GLU B 35 23.80 -23.44 6.56
CA GLU B 35 24.21 -23.01 7.88
C GLU B 35 23.13 -22.09 8.44
N ARG B 36 22.54 -22.50 9.55
CA ARG B 36 21.47 -21.74 10.20
C ARG B 36 21.85 -20.29 10.42
N GLY B 37 20.94 -19.39 10.08
CA GLY B 37 21.16 -17.97 10.30
C GLY B 37 22.03 -17.23 9.29
N THR B 38 22.38 -17.86 8.18
CA THR B 38 23.21 -17.18 7.19
C THR B 38 22.43 -16.92 5.90
N ALA B 39 23.00 -16.06 5.07
CA ALA B 39 22.50 -15.85 3.68
C ALA B 39 23.54 -16.35 2.68
N ILE B 40 23.08 -16.98 1.61
CA ILE B 40 23.95 -17.41 0.50
C ILE B 40 23.22 -17.18 -0.81
N LEU B 41 23.94 -17.33 -1.92
CA LEU B 41 23.32 -17.42 -3.26
C LEU B 41 22.97 -18.85 -3.56
N LEU B 42 21.83 -19.07 -4.22
CA LEU B 42 21.45 -20.43 -4.62
C LEU B 42 22.58 -21.10 -5.40
N SER B 43 22.95 -22.31 -5.00
CA SER B 43 24.00 -23.06 -5.67
C SER B 43 23.43 -24.43 -6.04
N GLU B 44 24.19 -25.22 -6.80
CA GLU B 44 23.80 -26.57 -7.12
C GLU B 44 23.47 -27.37 -5.85
N ARG B 45 24.15 -27.06 -4.75
CA ARG B 45 23.94 -27.77 -3.48
C ARG B 45 22.48 -27.65 -3.02
N GLN B 46 21.83 -26.56 -3.40
CA GLN B 46 20.46 -26.31 -2.95
C GLN B 46 19.44 -26.63 -4.01
N LYS B 47 19.80 -27.49 -4.98
CA LYS B 47 18.88 -27.87 -6.04
C LYS B 47 17.56 -28.36 -5.45
N GLY B 48 16.46 -27.75 -5.89
CA GLY B 48 15.11 -28.17 -5.51
C GLY B 48 14.54 -27.44 -4.30
N ILE B 49 15.31 -26.52 -3.73
CA ILE B 49 14.91 -25.87 -2.46
C ILE B 49 13.59 -25.09 -2.61
N PHE B 50 13.44 -24.37 -3.71
CA PHE B 50 12.22 -23.55 -3.88
C PHE B 50 10.99 -24.42 -4.05
N ASP B 51 11.09 -25.46 -4.87
CA ASP B 51 10.00 -26.43 -4.99
C ASP B 51 9.59 -26.97 -3.61
N ASP B 52 10.59 -27.27 -2.78
CA ASP B 52 10.38 -27.91 -1.49
C ASP B 52 9.71 -26.96 -0.48
N ILE B 53 10.23 -25.75 -0.40
CA ILE B 53 9.73 -24.76 0.56
C ILE B 53 8.34 -24.28 0.21
N GLU B 54 8.01 -24.30 -1.07
CA GLU B 54 6.68 -23.86 -1.51
C GLU B 54 5.59 -24.86 -1.14
N LYS B 55 5.99 -26.04 -0.70
CA LYS B 55 5.08 -27.06 -0.23
C LYS B 55 4.96 -27.03 1.30
N MET B 56 5.81 -26.24 1.96
CA MET B 56 5.74 -26.09 3.41
C MET B 56 4.41 -25.45 3.83
N PRO B 57 3.79 -25.98 4.90
CA PRO B 57 2.58 -25.34 5.42
C PRO B 57 2.84 -23.87 5.75
N ASN B 58 1.87 -23.06 5.37
CA ASN B 58 1.80 -21.64 5.71
C ASN B 58 2.89 -20.81 5.06
N VAL B 59 3.44 -21.27 3.93
CA VAL B 59 4.44 -20.47 3.21
C VAL B 59 3.83 -19.13 2.82
N ARG B 60 4.62 -18.07 2.97
CA ARG B 60 4.20 -16.71 2.63
C ARG B 60 5.06 -16.16 1.50
N TYR B 61 4.45 -15.36 0.64
CA TYR B 61 5.14 -14.73 -0.47
C TYR B 61 5.03 -13.23 -0.22
N VAL B 62 6.17 -12.61 0.08
CA VAL B 62 6.20 -11.21 0.48
CA VAL B 62 6.24 -11.22 0.56
C VAL B 62 7.37 -10.48 -0.17
N PRO B 63 7.18 -9.18 -0.51
CA PRO B 63 8.26 -8.41 -1.11
C PRO B 63 9.48 -8.44 -0.21
N GLY B 64 10.63 -8.69 -0.82
CA GLY B 64 11.89 -8.74 -0.11
C GLY B 64 12.97 -7.96 -0.83
N GLY B 65 14.21 -8.41 -0.66
CA GLY B 65 15.36 -7.73 -1.26
C GLY B 65 15.91 -6.77 -0.20
N SER B 66 17.19 -6.90 0.12
CA SER B 66 17.77 -6.10 1.22
C SER B 66 17.56 -4.59 1.03
N GLY B 67 18.03 -4.05 -0.09
CA GLY B 67 17.93 -2.63 -0.34
C GLY B 67 16.51 -2.15 -0.51
N LEU B 68 15.64 -3.01 -1.05
CA LEU B 68 14.22 -2.65 -1.20
C LEU B 68 13.59 -2.51 0.20
N ASN B 69 13.96 -3.40 1.13
CA ASN B 69 13.51 -3.31 2.55
C ASN B 69 13.99 -2.00 3.14
N VAL B 70 15.27 -1.69 2.92
CA VAL B 70 15.86 -0.44 3.43
C VAL B 70 15.10 0.77 2.89
N ALA B 71 14.89 0.77 1.57
CA ALA B 71 14.13 1.85 0.94
C ALA B 71 12.72 2.00 1.57
N ARG B 72 12.07 0.87 1.77
CA ARG B 72 10.71 0.89 2.30
C ARG B 72 10.66 1.41 3.73
N VAL B 73 11.63 0.98 4.54
CA VAL B 73 11.66 1.45 5.94
C VAL B 73 11.97 2.97 5.99
N ALA B 74 12.95 3.40 5.20
CA ALA B 74 13.27 4.82 5.13
C ALA B 74 12.09 5.67 4.68
N GLN B 75 11.40 5.21 3.64
CA GLN B 75 10.25 5.94 3.13
C GLN B 75 9.09 5.98 4.16
N TRP B 76 8.93 4.88 4.89
CA TRP B 76 7.89 4.81 5.91
C TRP B 76 8.12 5.88 6.98
N MET B 77 9.38 6.15 7.28
CA MET B 77 9.72 7.17 8.28
C MET B 77 9.57 8.60 7.78
N GLN B 78 9.40 8.79 6.47
CA GLN B 78 9.25 10.12 5.88
C GLN B 78 7.98 10.17 5.04
N GLN B 79 6.84 9.94 5.68
CA GLN B 79 5.62 9.76 4.91
C GLN B 79 5.04 10.98 4.22
N ALA B 80 5.47 12.17 4.65
CA ALA B 80 5.07 13.42 3.97
C ALA B 80 5.76 13.59 2.62
N TYR B 81 6.71 12.70 2.30
CA TYR B 81 7.54 12.84 1.10
C TYR B 81 7.44 11.61 0.20
N LYS B 82 6.25 11.01 0.13
CA LYS B 82 6.05 9.92 -0.84
C LYS B 82 6.25 10.41 -2.26
N GLY B 83 7.01 9.63 -3.01
CA GLY B 83 7.38 9.96 -4.39
C GLY B 83 8.44 11.04 -4.52
N LYS B 84 9.00 11.50 -3.39
CA LYS B 84 9.92 12.64 -3.38
C LYS B 84 11.11 12.45 -2.46
N PHE B 85 11.44 11.20 -2.19
CA PHE B 85 12.47 10.88 -1.23
C PHE B 85 13.42 9.81 -1.74
N VAL B 86 12.96 8.57 -1.81
CA VAL B 86 13.79 7.44 -2.22
C VAL B 86 13.52 7.03 -3.66
N THR B 87 14.59 6.84 -4.42
CA THR B 87 14.52 6.19 -5.73
C THR B 87 15.29 4.88 -5.62
N TYR B 88 14.69 3.81 -6.13
CA TYR B 88 15.29 2.49 -6.01
C TYR B 88 15.59 1.98 -7.41
N VAL B 89 16.77 1.39 -7.56
CA VAL B 89 17.19 0.85 -8.85
C VAL B 89 17.55 -0.63 -8.70
N GLY B 90 17.00 -1.44 -9.60
CA GLY B 90 17.31 -2.85 -9.71
C GLY B 90 16.65 -3.38 -10.95
N CYS B 91 16.73 -4.69 -11.16
CA CYS B 91 16.18 -5.27 -12.38
C CYS B 91 15.20 -6.40 -12.04
N ILE B 92 14.02 -6.35 -12.65
CA ILE B 92 12.94 -7.36 -12.47
C ILE B 92 12.52 -7.94 -13.81
N ALA B 93 11.70 -8.98 -13.80
CA ALA B 93 10.98 -9.36 -15.03
C ALA B 93 9.57 -8.82 -14.95
N ASP B 94 8.85 -8.82 -16.08
CA ASP B 94 7.43 -8.49 -16.06
C ASP B 94 6.57 -9.69 -15.78
N ASP B 95 6.82 -10.33 -14.65
CA ASP B 95 6.08 -11.51 -14.27
C ASP B 95 5.34 -11.23 -12.97
N ARG B 96 4.66 -12.25 -12.47
CA ARG B 96 3.89 -12.15 -11.22
C ARG B 96 4.71 -11.57 -10.10
N TYR B 97 5.91 -12.09 -9.90
CA TYR B 97 6.74 -11.64 -8.78
C TYR B 97 7.17 -10.19 -8.98
N GLY B 98 7.57 -9.85 -10.20
CA GLY B 98 8.08 -8.51 -10.52
C GLY B 98 7.06 -7.42 -10.28
N LYS B 99 5.85 -7.65 -10.77
CA LYS B 99 4.74 -6.73 -10.54
C LYS B 99 4.42 -6.59 -9.06
N VAL B 100 4.39 -7.69 -8.29
CA VAL B 100 4.16 -7.61 -6.86
C VAL B 100 5.15 -6.63 -6.18
N LEU B 101 6.44 -6.78 -6.49
CA LEU B 101 7.51 -5.97 -5.91
C LEU B 101 7.38 -4.52 -6.29
N LYS B 102 7.24 -4.25 -7.57
CA LYS B 102 7.16 -2.88 -8.05
C LYS B 102 5.91 -2.18 -7.45
N GLU B 103 4.77 -2.87 -7.44
CA GLU B 103 3.50 -2.25 -7.02
C GLU B 103 3.52 -2.01 -5.51
N ALA B 104 4.11 -2.95 -4.78
CA ALA B 104 4.23 -2.73 -3.32
C ALA B 104 5.07 -1.50 -3.04
N ALA B 105 6.25 -1.38 -3.66
CA ALA B 105 7.13 -0.23 -3.39
C ALA B 105 6.52 1.09 -3.87
N GLU B 106 5.91 1.08 -5.06
CA GLU B 106 5.28 2.29 -5.57
C GLU B 106 4.10 2.73 -4.68
N HIS B 107 3.31 1.77 -4.19
CA HIS B 107 2.21 2.11 -3.32
C HIS B 107 2.74 2.86 -2.07
N GLU B 108 3.90 2.45 -1.58
CA GLU B 108 4.47 3.05 -0.38
C GLU B 108 5.19 4.37 -0.65
N GLY B 109 5.31 4.73 -1.93
CA GLY B 109 5.91 6.03 -2.31
C GLY B 109 7.35 6.00 -2.81
N ILE B 110 7.88 4.81 -3.09
CA ILE B 110 9.24 4.71 -3.65
C ILE B 110 9.14 4.86 -5.15
N VAL B 111 10.05 5.64 -5.73
CA VAL B 111 10.16 5.71 -7.18
C VAL B 111 10.97 4.51 -7.63
N MET B 112 10.35 3.65 -8.46
CA MET B 112 10.96 2.38 -8.82
C MET B 112 11.58 2.50 -10.21
N ALA B 113 12.82 2.99 -10.24
CA ALA B 113 13.54 3.16 -11.52
C ALA B 113 14.19 1.85 -11.94
N VAL B 114 13.33 0.86 -12.16
CA VAL B 114 13.77 -0.51 -12.39
C VAL B 114 13.85 -0.88 -13.87
N GLU B 115 14.83 -1.72 -14.17
CA GLU B 115 14.96 -2.35 -15.48
C GLU B 115 14.02 -3.55 -15.57
N HIS B 116 13.45 -3.76 -16.75
CA HIS B 116 12.61 -4.94 -17.03
C HIS B 116 13.34 -5.86 -18.01
N THR B 117 13.44 -7.15 -17.68
CA THR B 117 14.13 -8.10 -18.57
C THR B 117 13.28 -9.34 -18.86
N THR B 118 13.59 -9.99 -19.97
CA THR B 118 12.98 -11.28 -20.30
C THR B 118 14.02 -12.37 -20.15
N LYS B 119 15.24 -11.98 -19.76
CA LYS B 119 16.34 -12.94 -19.70
C LYS B 119 16.18 -13.98 -18.60
N ALA B 120 15.48 -13.60 -17.52
CA ALA B 120 15.26 -14.47 -16.39
C ALA B 120 14.02 -14.00 -15.65
N GLY B 121 13.35 -14.90 -14.93
CA GLY B 121 12.23 -14.50 -14.07
C GLY B 121 12.70 -13.61 -12.91
N SER B 122 11.77 -12.93 -12.27
CA SER B 122 12.14 -12.09 -11.14
C SER B 122 12.82 -12.90 -10.05
N GLY B 123 13.80 -12.31 -9.40
CA GLY B 123 14.52 -12.95 -8.31
C GLY B 123 13.65 -13.32 -7.13
N ALA B 124 14.11 -14.30 -6.35
CA ALA B 124 13.34 -14.77 -5.18
C ALA B 124 14.34 -15.22 -4.13
N CYS B 125 13.90 -15.22 -2.88
CA CYS B 125 14.78 -15.63 -1.80
C CYS B 125 14.03 -16.61 -0.94
N ALA B 126 14.58 -17.79 -0.74
CA ALA B 126 13.97 -18.72 0.20
C ALA B 126 14.35 -18.24 1.59
N VAL B 127 13.36 -18.02 2.46
CA VAL B 127 13.61 -17.54 3.82
C VAL B 127 13.17 -18.70 4.71
N CYS B 128 14.18 -19.41 5.23
CA CYS B 128 13.90 -20.66 5.94
C CYS B 128 13.93 -20.34 7.41
N ILE B 129 12.77 -20.38 8.06
CA ILE B 129 12.64 -20.00 9.45
C ILE B 129 12.71 -21.21 10.39
N THR B 130 13.64 -21.12 11.34
CA THR B 130 13.73 -22.10 12.40
C THR B 130 13.75 -21.35 13.72
N GLY B 131 12.66 -21.44 14.47
CA GLY B 131 12.47 -20.60 15.65
C GLY B 131 12.39 -19.14 15.22
N LYS B 132 13.30 -18.32 15.72
CA LYS B 132 13.36 -16.92 15.30
C LYS B 132 14.44 -16.68 14.27
N GLU B 133 15.30 -17.67 14.06
CA GLU B 133 16.44 -17.51 13.14
C GLU B 133 15.97 -17.76 11.71
N ARG B 134 16.59 -17.05 10.77
CA ARG B 134 16.22 -17.15 9.36
CA ARG B 134 16.23 -17.15 9.36
C ARG B 134 17.48 -17.47 8.56
N THR B 135 17.35 -18.41 7.63
CA THR B 135 18.48 -18.86 6.82
C THR B 135 18.02 -18.60 5.40
N LEU B 136 18.81 -17.83 4.65
CA LEU B 136 18.36 -17.30 3.37
C LEU B 136 19.13 -17.85 2.19
N VAL B 137 18.42 -18.09 1.09
CA VAL B 137 19.06 -18.61 -0.11
C VAL B 137 18.50 -17.79 -1.28
N ALA B 138 19.32 -16.87 -1.82
CA ALA B 138 18.85 -15.94 -2.86
C ALA B 138 19.08 -16.49 -4.26
N ASP B 139 18.02 -16.53 -5.07
CA ASP B 139 18.12 -16.85 -6.49
C ASP B 139 17.87 -15.57 -7.25
N LEU B 140 18.93 -14.87 -7.65
CA LEU B 140 18.77 -13.48 -8.15
C LEU B 140 17.94 -13.31 -9.41
N GLY B 141 17.95 -14.31 -10.30
CA GLY B 141 17.09 -14.25 -11.48
C GLY B 141 17.37 -12.97 -12.25
N ALA B 142 16.30 -12.25 -12.58
CA ALA B 142 16.36 -10.97 -13.30
C ALA B 142 17.34 -9.98 -12.68
N ALA B 143 17.47 -9.99 -11.34
CA ALA B 143 18.34 -9.02 -10.68
C ALA B 143 19.78 -9.10 -11.12
N ASN B 144 20.22 -10.32 -11.47
CA ASN B 144 21.59 -10.52 -11.92
C ASN B 144 21.83 -9.98 -13.34
N HIS B 145 20.76 -9.56 -14.01
CA HIS B 145 20.85 -9.01 -15.38
C HIS B 145 20.81 -7.48 -15.47
N LEU B 146 20.84 -6.77 -14.32
CA LEU B 146 20.93 -5.31 -14.33
C LEU B 146 22.10 -4.85 -15.22
N SER B 147 21.80 -4.01 -16.20
CA SER B 147 22.72 -3.74 -17.31
C SER B 147 23.35 -2.35 -17.26
N SER B 148 24.50 -2.23 -17.92
CA SER B 148 25.13 -0.94 -18.15
C SER B 148 24.20 0.01 -18.88
N GLU B 149 23.45 -0.54 -19.85
CA GLU B 149 22.41 0.20 -20.58
C GLU B 149 21.43 0.87 -19.64
N HIS B 150 20.92 0.13 -18.67
CA HIS B 150 19.99 0.72 -17.71
C HIS B 150 20.66 1.78 -16.84
N MET B 151 21.87 1.47 -16.38
CA MET B 151 22.65 2.42 -15.60
C MET B 151 22.92 3.74 -16.30
N ARG B 152 22.96 3.71 -17.62
CA ARG B 152 23.11 4.93 -18.44
C ARG B 152 21.80 5.54 -18.94
N SER B 153 20.67 4.90 -18.63
CA SER B 153 19.36 5.40 -19.05
CA SER B 153 19.36 5.40 -19.05
C SER B 153 19.03 6.77 -18.42
N PRO B 154 18.18 7.56 -19.09
CA PRO B 154 17.81 8.90 -18.59
C PRO B 154 17.30 8.88 -17.14
N ALA B 155 16.41 7.96 -16.83
CA ALA B 155 15.77 7.89 -15.53
C ALA B 155 16.79 7.65 -14.43
N VAL B 156 17.78 6.80 -14.69
CA VAL B 156 18.79 6.43 -13.68
C VAL B 156 19.81 7.54 -13.52
N VAL B 157 20.30 8.06 -14.63
CA VAL B 157 21.25 9.16 -14.63
C VAL B 157 20.62 10.38 -13.91
N ARG B 158 19.35 10.64 -14.24
CA ARG B 158 18.55 11.66 -13.59
C ARG B 158 18.43 11.43 -12.07
N ALA B 159 18.07 10.21 -11.68
CA ALA B 159 17.93 9.86 -10.26
C ALA B 159 19.27 10.06 -9.53
N MET B 160 20.36 9.65 -10.15
CA MET B 160 21.66 9.86 -9.55
C MET B 160 21.98 11.35 -9.42
N ASP B 161 21.69 12.11 -10.48
CA ASP B 161 21.97 13.54 -10.50
C ASP B 161 21.19 14.30 -9.42
N GLU B 162 20.00 13.81 -9.06
CA GLU B 162 19.11 14.50 -8.12
C GLU B 162 19.25 14.01 -6.67
N SER B 163 20.04 12.96 -6.47
CA SER B 163 20.23 12.35 -5.17
C SER B 163 21.47 12.87 -4.45
N ARG B 164 21.46 12.79 -3.12
CA ARG B 164 22.59 13.22 -2.33
C ARG B 164 23.14 12.13 -1.44
N ILE B 165 22.32 11.11 -1.15
CA ILE B 165 22.75 9.96 -0.35
C ILE B 165 22.57 8.72 -1.21
N PHE B 166 23.64 7.93 -1.32
CA PHE B 166 23.65 6.74 -2.16
C PHE B 166 23.92 5.57 -1.27
N TYR B 167 23.02 4.60 -1.29
CA TYR B 167 23.14 3.43 -0.47
C TYR B 167 23.08 2.21 -1.40
N PHE B 168 24.14 1.39 -1.40
CA PHE B 168 24.14 0.09 -2.08
C PHE B 168 24.30 -1.02 -1.06
N SER B 169 23.57 -2.13 -1.22
CA SER B 169 23.87 -3.30 -0.44
CA SER B 169 23.85 -3.31 -0.45
C SER B 169 25.19 -3.90 -0.92
N GLY B 170 25.90 -4.53 0.00
CA GLY B 170 27.03 -5.37 -0.39
C GLY B 170 26.62 -6.42 -1.41
N PHE B 171 25.35 -6.87 -1.36
CA PHE B 171 24.87 -7.86 -2.32
C PHE B 171 24.97 -7.42 -3.78
N THR B 172 25.00 -6.12 -4.02
CA THR B 172 25.18 -5.63 -5.40
C THR B 172 26.54 -6.01 -5.99
N LEU B 173 27.50 -6.34 -5.13
CA LEU B 173 28.87 -6.60 -5.59
C LEU B 173 28.98 -7.94 -6.33
N THR B 174 27.94 -8.79 -6.22
CA THR B 174 27.91 -10.03 -7.01
C THR B 174 27.41 -9.88 -8.44
N VAL B 175 26.92 -8.70 -8.79
CA VAL B 175 26.29 -8.45 -10.09
C VAL B 175 27.31 -7.82 -11.05
N ASP B 176 27.52 -6.51 -10.91
CA ASP B 176 28.55 -5.83 -11.66
C ASP B 176 29.13 -4.70 -10.81
N VAL B 177 30.39 -4.87 -10.40
CA VAL B 177 31.06 -3.88 -9.55
C VAL B 177 31.10 -2.50 -10.20
N ASN B 178 31.03 -2.46 -11.53
CA ASN B 178 31.06 -1.19 -12.28
C ASN B 178 29.80 -0.36 -12.06
N HIS B 179 28.68 -1.03 -11.80
CA HIS B 179 27.45 -0.32 -11.51
C HIS B 179 27.62 0.44 -10.20
N VAL B 180 28.29 -0.18 -9.24
CA VAL B 180 28.50 0.41 -7.91
C VAL B 180 29.50 1.57 -8.03
N LEU B 181 30.57 1.37 -8.80
CA LEU B 181 31.56 2.45 -8.98
C LEU B 181 30.94 3.69 -9.68
N GLN B 182 29.94 3.48 -10.55
CA GLN B 182 29.27 4.61 -11.20
C GLN B 182 28.62 5.50 -10.16
N ALA B 183 27.95 4.89 -9.20
CA ALA B 183 27.33 5.62 -8.12
C ALA B 183 28.36 6.23 -7.18
N CYS B 184 29.46 5.51 -6.92
CA CYS B 184 30.55 6.07 -6.11
C CYS B 184 31.01 7.36 -6.76
N ARG B 185 31.20 7.33 -8.08
CA ARG B 185 31.60 8.51 -8.85
C ARG B 185 30.60 9.62 -8.69
N LYS B 186 29.31 9.29 -8.84
CA LYS B 186 28.25 10.29 -8.84
C LYS B 186 28.12 10.94 -7.47
N ALA B 187 28.29 10.15 -6.41
CA ALA B 187 28.24 10.71 -5.04
C ALA B 187 29.28 11.80 -4.76
N ARG B 188 30.49 11.60 -5.26
CA ARG B 188 31.54 12.59 -5.13
C ARG B 188 31.21 13.81 -5.96
N GLU B 189 30.67 13.58 -7.16
CA GLU B 189 30.34 14.67 -8.08
C GLU B 189 29.31 15.62 -7.49
N VAL B 190 28.38 15.08 -6.70
CA VAL B 190 27.28 15.86 -6.14
C VAL B 190 27.55 16.28 -4.68
N ASP B 191 28.79 16.09 -4.24
CA ASP B 191 29.21 16.36 -2.86
C ASP B 191 28.26 15.70 -1.85
N GLY B 192 27.99 14.41 -2.09
CA GLY B 192 27.05 13.67 -1.28
C GLY B 192 27.73 12.55 -0.53
N LEU B 193 26.96 11.50 -0.23
CA LEU B 193 27.48 10.40 0.57
C LEU B 193 27.32 9.08 -0.13
N PHE B 194 28.34 8.24 -0.03
CA PHE B 194 28.17 6.89 -0.47
C PHE B 194 28.27 5.95 0.71
N MET B 195 27.24 5.10 0.84
CA MET B 195 27.12 4.19 1.99
C MET B 195 26.97 2.78 1.47
N ILE B 196 27.63 1.82 2.12
CA ILE B 196 27.48 0.42 1.74
C ILE B 196 27.26 -0.43 3.00
N ASN B 197 26.46 -1.48 2.87
CA ASN B 197 26.26 -2.51 3.87
CA ASN B 197 26.44 -2.45 3.95
C ASN B 197 27.13 -3.74 3.53
N LEU B 198 27.74 -4.42 4.50
CA LEU B 198 28.57 -5.59 4.17
C LEU B 198 27.72 -6.81 3.78
N SER B 199 26.44 -6.80 4.19
CA SER B 199 25.41 -7.77 3.71
C SER B 199 25.48 -9.21 4.16
N ALA B 200 26.63 -9.87 3.98
CA ALA B 200 26.75 -11.28 4.36
C ALA B 200 28.22 -11.65 4.38
N PRO B 201 28.59 -12.61 5.24
CA PRO B 201 29.95 -13.11 5.24
C PRO B 201 30.47 -13.53 3.86
N PHE B 202 29.61 -14.07 3.00
CA PHE B 202 30.08 -14.55 1.69
C PHE B 202 30.60 -13.43 0.80
N ILE B 203 30.16 -12.20 1.06
CA ILE B 203 30.66 -11.06 0.30
C ILE B 203 32.16 -10.87 0.59
N MET B 204 32.54 -10.92 1.86
CA MET B 204 33.97 -10.79 2.22
C MET B 204 34.76 -12.02 1.80
N GLN B 205 34.10 -13.19 1.79
CA GLN B 205 34.78 -14.46 1.48
C GLN B 205 35.04 -14.65 -0.01
N PHE B 206 34.07 -14.29 -0.84
CA PHE B 206 34.08 -14.64 -2.25
C PHE B 206 34.05 -13.45 -3.21
N PHE B 207 33.80 -12.27 -2.66
CA PHE B 207 33.66 -11.03 -3.47
C PHE B 207 34.55 -9.92 -2.94
N SER B 208 35.70 -10.33 -2.39
CA SER B 208 36.59 -9.39 -1.72
C SER B 208 37.24 -8.43 -2.70
N ALA B 209 37.52 -8.90 -3.92
CA ALA B 209 38.09 -8.05 -4.95
C ALA B 209 37.15 -6.91 -5.33
N GLN B 210 35.87 -7.24 -5.49
CA GLN B 210 34.85 -6.24 -5.77
C GLN B 210 34.67 -5.30 -4.58
N LEU B 211 34.59 -5.87 -3.38
CA LEU B 211 34.46 -5.04 -2.19
C LEU B 211 35.64 -4.06 -2.07
N GLY B 212 36.86 -4.59 -2.27
CA GLY B 212 38.07 -3.77 -2.21
C GLY B 212 38.13 -2.67 -3.27
N GLU B 213 37.48 -2.89 -4.41
CA GLU B 213 37.38 -1.86 -5.46
C GLU B 213 36.53 -0.66 -5.02
N VAL B 214 35.51 -0.92 -4.21
CA VAL B 214 34.53 0.08 -3.82
C VAL B 214 34.86 0.76 -2.49
N LEU B 215 35.52 0.05 -1.57
CA LEU B 215 35.78 0.61 -0.23
C LEU B 215 36.49 1.97 -0.16
N PRO B 216 37.52 2.19 -1.02
CA PRO B 216 38.16 3.50 -1.00
C PRO B 216 37.16 4.62 -1.29
N TYR B 217 36.10 4.31 -2.02
CA TYR B 217 35.12 5.34 -2.39
C TYR B 217 33.86 5.38 -1.49
N THR B 218 33.92 4.67 -0.36
CA THR B 218 32.78 4.52 0.54
C THR B 218 32.94 5.38 1.80
N ASP B 219 31.97 6.26 2.03
CA ASP B 219 31.96 7.12 3.23
C ASP B 219 31.49 6.37 4.47
N ILE B 220 30.34 5.72 4.39
CA ILE B 220 29.84 4.98 5.54
C ILE B 220 29.76 3.49 5.25
N ILE B 221 30.38 2.70 6.12
CA ILE B 221 30.31 1.24 6.06
C ILE B 221 29.44 0.79 7.24
N VAL B 222 28.39 0.02 6.92
CA VAL B 222 27.47 -0.50 7.94
C VAL B 222 27.49 -2.02 7.89
N ALA B 223 27.49 -2.67 9.04
CA ALA B 223 27.43 -4.14 9.07
C ALA B 223 26.91 -4.58 10.43
N ASN B 224 26.70 -5.89 10.57
CA ASN B 224 26.47 -6.46 11.89
C ASN B 224 27.74 -7.11 12.43
N ARG B 225 27.65 -7.68 13.62
CA ARG B 225 28.84 -8.19 14.30
C ARG B 225 29.50 -9.33 13.54
N HIS B 226 28.68 -10.22 12.98
CA HIS B 226 29.24 -11.37 12.26
C HIS B 226 30.00 -10.94 10.98
N GLU B 227 29.42 -10.03 10.26
CA GLU B 227 30.05 -9.46 9.07
C GLU B 227 31.31 -8.70 9.42
N ALA B 228 31.24 -7.96 10.53
CA ALA B 228 32.45 -7.22 10.95
C ALA B 228 33.60 -8.22 11.18
N LYS B 229 33.29 -9.32 11.85
CA LYS B 229 34.30 -10.35 12.07
C LYS B 229 34.84 -10.95 10.78
N GLU B 230 33.96 -11.19 9.81
CA GLU B 230 34.42 -11.70 8.51
C GLU B 230 35.24 -10.64 7.75
N PHE B 231 34.91 -9.37 7.96
CA PHE B 231 35.65 -8.26 7.35
C PHE B 231 37.07 -8.27 7.93
N ALA B 232 37.17 -8.42 9.26
CA ALA B 232 38.47 -8.60 9.94
C ALA B 232 39.27 -9.77 9.37
N ASN B 233 38.58 -10.89 9.15
CA ASN B 233 39.20 -12.06 8.54
C ASN B 233 39.78 -11.73 7.14
N MET B 234 39.02 -10.97 6.36
CA MET B 234 39.39 -10.61 5.00
C MET B 234 40.64 -9.70 5.00
N MET B 235 40.69 -8.80 5.97
CA MET B 235 41.79 -7.85 6.08
C MET B 235 43.00 -8.45 6.78
N LYS B 236 42.87 -9.70 7.23
CA LYS B 236 43.91 -10.38 8.04
C LYS B 236 44.21 -9.61 9.35
N TRP B 237 43.14 -9.11 9.96
CA TRP B 237 43.20 -8.44 11.23
C TRP B 237 42.94 -9.46 12.32
N ASP B 238 43.95 -9.68 13.15
CA ASP B 238 43.93 -10.68 14.22
C ASP B 238 43.22 -10.12 15.45
N THR B 239 41.89 -10.02 15.35
CA THR B 239 41.08 -9.49 16.44
C THR B 239 39.63 -9.93 16.26
N ASP B 240 38.95 -10.10 17.39
CA ASP B 240 37.50 -10.41 17.42
C ASP B 240 36.73 -9.19 17.93
N CYS B 241 37.46 -8.19 18.41
CA CYS B 241 36.89 -7.01 19.04
C CYS B 241 36.24 -6.09 18.02
N VAL B 242 34.92 -6.01 18.07
CA VAL B 242 34.18 -5.22 17.08
C VAL B 242 34.53 -3.72 17.09
N GLU B 243 34.80 -3.18 18.26
CA GLU B 243 35.25 -1.80 18.39
C GLU B 243 36.59 -1.59 17.69
N GLU B 244 37.49 -2.55 17.84
CA GLU B 244 38.82 -2.45 17.22
C GLU B 244 38.69 -2.65 15.70
N ILE B 245 37.84 -3.57 15.26
CA ILE B 245 37.59 -3.71 13.83
C ILE B 245 37.09 -2.40 13.24
N ALA B 246 36.15 -1.76 13.91
CA ALA B 246 35.60 -0.47 13.46
C ALA B 246 36.66 0.65 13.42
N ARG B 247 37.49 0.67 14.44
CA ARG B 247 38.62 1.63 14.48
C ARG B 247 39.53 1.46 13.25
N ARG B 248 39.89 0.22 12.93
CA ARG B 248 40.77 -0.07 11.80
C ARG B 248 40.07 0.21 10.47
N ALA B 249 38.76 0.00 10.42
CA ALA B 249 38.01 0.26 9.18
C ALA B 249 37.93 1.76 8.89
N VAL B 250 37.99 2.57 9.94
CA VAL B 250 38.11 4.02 9.75
C VAL B 250 39.49 4.44 9.20
N SER B 251 40.56 3.92 9.82
CA SER B 251 41.90 4.49 9.62
C SER B 251 42.85 3.68 8.74
N GLU B 252 42.54 2.41 8.52
CA GLU B 252 43.48 1.51 7.83
C GLU B 252 42.92 1.00 6.51
N VAL B 253 41.64 1.17 6.30
CA VAL B 253 41.06 0.86 5.00
C VAL B 253 41.10 2.17 4.23
N PRO B 254 41.68 2.17 3.01
CA PRO B 254 41.83 3.40 2.22
C PRO B 254 40.51 4.15 2.06
N TYR B 255 40.59 5.48 2.05
CA TYR B 255 39.42 6.35 1.94
C TYR B 255 39.81 7.61 1.21
N THR B 256 39.06 7.95 0.15
CA THR B 256 39.41 9.09 -0.70
C THR B 256 38.55 10.36 -0.50
N GLY B 257 37.35 10.20 0.05
CA GLY B 257 36.38 11.31 0.14
C GLY B 257 36.69 12.45 1.12
N THR B 258 35.72 13.33 1.32
CA THR B 258 35.90 14.53 2.13
C THR B 258 34.98 14.60 3.34
N LYS B 259 33.85 13.88 3.27
CA LYS B 259 32.83 13.90 4.33
C LYS B 259 33.31 13.28 5.65
N GLY B 260 34.20 12.30 5.54
CA GLY B 260 34.69 11.57 6.70
C GLY B 260 34.19 10.13 6.71
N ARG B 261 35.10 9.19 6.92
CA ARG B 261 34.71 7.77 6.96
C ARG B 261 34.00 7.47 8.27
N VAL B 262 32.89 6.72 8.18
CA VAL B 262 32.07 6.35 9.34
C VAL B 262 31.84 4.83 9.26
N VAL B 263 31.98 4.16 10.38
CA VAL B 263 31.76 2.72 10.43
C VAL B 263 30.73 2.43 11.54
N VAL B 264 29.65 1.74 11.18
CA VAL B 264 28.56 1.43 12.11
C VAL B 264 28.35 -0.11 12.12
N PHE B 265 28.63 -0.71 13.26
CA PHE B 265 28.46 -2.16 13.45
C PHE B 265 27.40 -2.42 14.51
N THR B 266 26.29 -2.99 14.07
CA THR B 266 25.25 -3.41 15.03
C THR B 266 25.59 -4.76 15.68
N ARG B 267 25.03 -5.00 16.86
CA ARG B 267 25.38 -6.16 17.65
C ARG B 267 24.11 -6.68 18.35
N ASP B 268 23.01 -6.76 17.60
CA ASP B 268 21.72 -7.23 18.12
C ASP B 268 21.32 -6.46 19.40
N ILE B 269 21.22 -7.14 20.54
CA ILE B 269 20.87 -6.40 21.79
C ILE B 269 22.03 -5.64 22.45
N GLU B 270 23.25 -5.93 22.04
CA GLU B 270 24.40 -5.20 22.57
C GLU B 270 24.53 -3.89 21.79
N SER B 271 25.29 -2.95 22.36
CA SER B 271 25.32 -1.59 21.82
C SER B 271 25.92 -1.56 20.43
N THR B 272 25.40 -0.66 19.60
CA THR B 272 25.92 -0.42 18.26
C THR B 272 27.23 0.34 18.36
N VAL B 273 28.20 -0.12 17.59
CA VAL B 273 29.53 0.48 17.57
C VAL B 273 29.53 1.53 16.48
N LEU B 274 29.94 2.76 16.83
CA LEU B 274 29.98 3.87 15.89
C LEU B 274 31.38 4.48 15.93
N ALA B 275 32.08 4.39 14.81
CA ALA B 275 33.45 4.86 14.74
C ALA B 275 33.62 5.91 13.65
N THR B 276 34.38 6.96 13.96
CA THR B 276 34.82 7.95 12.98
C THR B 276 36.29 8.26 13.26
N LYS B 277 36.88 9.17 12.47
CA LYS B 277 38.23 9.66 12.77
C LYS B 277 38.31 10.25 14.18
N ASP B 278 37.17 10.65 14.75
CA ASP B 278 37.15 11.32 16.05
C ASP B 278 37.21 10.36 17.25
N GLY B 279 36.90 9.10 17.01
CA GLY B 279 36.96 8.08 18.06
C GLY B 279 35.93 6.97 17.84
N VAL B 280 35.86 6.04 18.80
CA VAL B 280 34.87 4.96 18.75
C VAL B 280 33.93 5.16 19.93
N GLU B 281 32.63 5.18 19.65
CA GLU B 281 31.61 5.26 20.70
C GLU B 281 30.66 4.07 20.56
N THR B 282 29.86 3.86 21.58
CA THR B 282 28.76 2.89 21.49
C THR B 282 27.41 3.54 21.73
N VAL B 283 26.37 3.00 21.07
CA VAL B 283 25.03 3.56 21.19
C VAL B 283 24.14 2.46 21.74
N PRO B 284 23.64 2.63 22.97
CA PRO B 284 22.87 1.53 23.54
C PRO B 284 21.58 1.22 22.76
N VAL B 285 21.24 -0.07 22.76
CA VAL B 285 19.99 -0.51 22.15
C VAL B 285 18.95 -0.57 23.27
N PRO B 286 17.78 0.07 23.06
CA PRO B 286 16.77 0.13 24.12
C PRO B 286 16.31 -1.25 24.54
N GLN B 287 16.10 -1.42 25.84
CA GLN B 287 15.63 -2.68 26.38
C GLN B 287 14.32 -3.06 25.70
N LEU B 288 14.18 -4.35 25.39
CA LEU B 288 12.96 -4.86 24.78
C LEU B 288 12.72 -6.26 25.31
N ASP B 289 11.53 -6.50 25.82
CA ASP B 289 11.17 -7.85 26.28
C ASP B 289 11.14 -8.77 25.08
N GLN B 290 11.84 -9.90 25.20
CA GLN B 290 12.04 -10.77 24.04
C GLN B 290 10.77 -11.48 23.60
N ASP B 291 9.77 -11.61 24.45
CA ASP B 291 8.52 -12.24 24.02
C ASP B 291 7.82 -11.34 22.98
N LYS B 292 8.23 -10.07 22.88
CA LYS B 292 7.68 -9.20 21.84
C LYS B 292 8.35 -9.39 20.47
N VAL B 293 9.53 -10.01 20.44
CA VAL B 293 10.29 -10.16 19.21
C VAL B 293 9.78 -11.42 18.58
N ILE B 294 9.19 -11.30 17.39
CA ILE B 294 8.68 -12.46 16.71
C ILE B 294 9.50 -12.91 15.50
N ASP B 295 8.97 -13.86 14.73
CA ASP B 295 9.82 -14.61 13.81
C ASP B 295 9.78 -14.30 12.33
N MET B 296 9.09 -13.24 11.92
CA MET B 296 8.87 -12.99 10.50
C MET B 296 9.98 -12.20 9.85
N ASN B 297 10.37 -11.11 10.52
CA ASN B 297 11.25 -10.16 9.88
C ASN B 297 12.58 -10.10 10.60
N GLY B 298 13.61 -9.82 9.82
CA GLY B 298 14.94 -9.58 10.39
C GLY B 298 15.13 -8.08 10.67
N ALA B 299 16.32 -7.72 11.16
CA ALA B 299 16.49 -6.44 11.82
C ALA B 299 17.45 -5.51 11.08
N GLY B 300 18.26 -6.07 10.22
CA GLY B 300 19.40 -5.35 9.63
C GLY B 300 18.94 -4.25 8.66
N ASP B 301 18.13 -4.64 7.69
CA ASP B 301 17.63 -3.68 6.71
C ASP B 301 16.82 -2.59 7.40
N ALA B 302 16.01 -2.97 8.38
CA ALA B 302 15.16 -2.00 9.07
C ALA B 302 16.06 -1.00 9.82
N PHE B 303 17.13 -1.51 10.42
CA PHE B 303 18.09 -0.60 11.08
C PHE B 303 18.61 0.45 10.08
N MET B 304 19.05 -0.01 8.91
CA MET B 304 19.65 0.90 7.96
C MET B 304 18.59 1.87 7.41
N GLY B 305 17.37 1.38 7.17
CA GLY B 305 16.29 2.31 6.79
C GLY B 305 16.05 3.46 7.77
N GLY B 306 16.00 3.17 9.08
CA GLY B 306 15.83 4.22 10.09
C GLY B 306 17.03 5.16 10.07
N PHE B 307 18.21 4.55 9.96
CA PHE B 307 19.46 5.31 9.95
C PHE B 307 19.41 6.34 8.81
N LEU B 308 19.06 5.87 7.61
CA LEU B 308 18.96 6.75 6.42
C LEU B 308 17.91 7.83 6.58
N SER B 309 16.77 7.45 7.16
CA SER B 309 15.69 8.42 7.38
C SER B 309 16.10 9.60 8.24
N ALA B 310 16.93 9.35 9.24
CA ALA B 310 17.45 10.41 10.11
C ALA B 310 18.64 11.11 9.45
N TYR B 311 19.50 10.36 8.76
CA TYR B 311 20.65 11.03 8.11
C TYR B 311 20.17 12.05 7.07
N ALA B 312 19.12 11.66 6.36
CA ALA B 312 18.55 12.50 5.31
C ALA B 312 17.96 13.84 5.79
N VAL B 313 17.68 13.95 7.08
CA VAL B 313 17.17 15.20 7.63
C VAL B 313 18.20 15.83 8.57
N GLY B 314 19.43 15.36 8.48
CA GLY B 314 20.58 16.04 9.07
C GLY B 314 20.82 15.75 10.53
N LYS B 315 20.30 14.63 11.03
CA LYS B 315 20.52 14.25 12.42
C LYS B 315 21.96 13.81 12.59
N ASP B 316 22.51 13.97 13.79
CA ASP B 316 23.88 13.52 14.02
C ASP B 316 23.94 11.99 14.00
N LEU B 317 25.16 11.45 13.89
CA LEU B 317 25.35 10.00 13.71
C LEU B 317 24.73 9.17 14.84
N ARG B 318 24.87 9.64 16.07
CA ARG B 318 24.32 8.90 17.22
C ARG B 318 22.81 8.79 17.09
N ARG B 319 22.18 9.91 16.76
CA ARG B 319 20.74 9.97 16.55
C ARG B 319 20.34 9.07 15.40
N CYS B 320 21.14 9.03 14.34
CA CYS B 320 20.83 8.12 13.23
C CYS B 320 20.83 6.66 13.71
N CYS B 321 21.82 6.31 14.53
CA CYS B 321 21.80 4.98 15.13
C CYS B 321 20.54 4.75 15.99
N GLU B 322 20.16 5.75 16.81
CA GLU B 322 18.97 5.57 17.66
C GLU B 322 17.71 5.39 16.82
N THR B 323 17.61 6.16 15.72
CA THR B 323 16.44 6.00 14.84
C THR B 323 16.44 4.59 14.17
N GLY B 324 17.63 4.14 13.77
CA GLY B 324 17.77 2.74 13.28
C GLY B 324 17.37 1.68 14.29
N HIS B 325 17.73 1.90 15.55
CA HIS B 325 17.28 0.98 16.60
C HIS B 325 15.76 0.99 16.69
N TYR B 326 15.14 2.18 16.61
CA TYR B 326 13.69 2.23 16.64
C TYR B 326 13.04 1.42 15.51
N THR B 327 13.50 1.68 14.27
CA THR B 327 12.84 1.03 13.14
C THR B 327 13.10 -0.46 13.14
N ALA B 328 14.30 -0.87 13.53
CA ALA B 328 14.59 -2.30 13.67
C ALA B 328 13.70 -2.95 14.72
N GLN B 329 13.57 -2.32 15.88
CA GLN B 329 12.73 -2.91 16.90
C GLN B 329 11.26 -2.91 16.50
N GLU B 330 10.80 -1.90 15.75
CA GLU B 330 9.42 -1.90 15.24
C GLU B 330 9.18 -3.13 14.34
N VAL B 331 10.11 -3.39 13.42
CA VAL B 331 9.95 -4.43 12.39
C VAL B 331 9.97 -5.84 12.97
N ILE B 332 10.87 -6.07 13.92
CA ILE B 332 10.99 -7.43 14.48
C ILE B 332 9.83 -7.77 15.40
N GLN B 333 9.06 -6.78 15.82
CA GLN B 333 7.85 -7.03 16.64
C GLN B 333 6.60 -7.27 15.78
N ARG B 334 6.77 -7.23 14.46
CA ARG B 334 5.61 -7.35 13.56
C ARG B 334 5.71 -8.58 12.69
N ASP B 335 4.57 -9.19 12.40
CA ASP B 335 4.56 -10.26 11.40
C ASP B 335 3.43 -10.07 10.40
N GLY B 336 2.98 -8.82 10.26
CA GLY B 336 1.82 -8.52 9.42
C GLY B 336 2.17 -8.29 7.96
N CYS B 337 1.20 -7.74 7.22
CA CYS B 337 1.36 -7.54 5.79
C CYS B 337 1.79 -6.14 5.45
N SER B 338 1.53 -5.21 6.36
CA SER B 338 1.87 -3.83 6.11
C SER B 338 2.71 -3.24 7.21
N PHE B 339 3.28 -2.08 6.93
CA PHE B 339 3.78 -1.22 7.99
C PHE B 339 2.59 -0.71 8.77
N PRO B 340 2.81 -0.31 10.04
CA PRO B 340 1.73 0.39 10.74
C PRO B 340 1.47 1.67 9.98
N GLU B 341 0.27 2.23 10.13
CA GLU B 341 -0.11 3.44 9.42
C GLU B 341 1.00 4.48 9.50
N LYS B 342 1.47 4.74 10.72
CA LYS B 342 2.50 5.76 10.93
C LYS B 342 3.50 5.27 11.95
N PRO B 343 4.75 5.73 11.86
CA PRO B 343 5.72 5.38 12.91
C PRO B 343 5.36 6.08 14.22
N SER B 344 5.78 5.47 15.31
CA SER B 344 5.52 5.96 16.65
C SER B 344 6.60 6.94 17.10
N PHE B 345 7.71 7.00 16.37
CA PHE B 345 8.86 7.91 16.65
C PHE B 345 9.11 8.69 15.34
N SER B 346 9.59 9.91 15.43
CA SER B 346 10.04 10.67 14.26
C SER B 346 11.56 10.57 14.23
N PRO B 347 12.20 10.79 13.06
CA PRO B 347 13.64 10.59 13.04
C PRO B 347 14.42 11.46 14.01
#